data_8WM5
#
_entry.id   8WM5
#
_cell.length_a   1.00
_cell.length_b   1.00
_cell.length_c   1.00
_cell.angle_alpha   90.00
_cell.angle_beta   90.00
_cell.angle_gamma   90.00
#
_symmetry.space_group_name_H-M   'P 1'
#
loop_
_entity.id
_entity.type
_entity.pdbx_description
1 polymer 'Efflux pump A'
2 non-polymer PHOSPHATIDYLETHANOLAMINE
3 non-polymer CARDIOLIPIN
#
_entity_poly.entity_id   1
_entity_poly.type   'polypeptide(L)'
_entity_poly.pdbx_seq_one_letter_code
;MTALNDTERAVRNWTAGRPHRPAPMRPPRSEETASERPSRYYPTWLPSRSFIAAVIAIGGMQLLATMDSTVAIVALPKIQ
NELSLSDAGRSWVITAYVLTFGGLMLLGGRLGDTIGRKRTFIVGVALFTISSVLCAVAWDEATLVIARLSQGVGSAIASP
TGLALVATTFPKGPARNAATAVFAAMTAIGSVMGLVVGGALTEVSWRWAFLVNVPIGLVMIYLARTALRETNKERMKLDA
TGAILATLACTAAVFAFSIGPEKGWMSGITIGSGLVALAAAVAFVIVERTAENPVVPFHLFRDRNRLVTFSAILLAGGVM
FSLTVCIGLYVQDILGYSALRAGVGFIPFVIAMGIGLGVSSQLVSRFSPRVLTIGGGYLLFGAMLYGSFFMHRGVPYFPN
LVMPIVVGGIGIGMAVVPLTLSAIAGVGFDQIGPVSAIALMLQSLGGPLVLAVIQAVITSRTLYLGGTTGPVKFMNDVQL
AALDHAYTYGLLWVAGAAIIVGGMALFIGYTPQQVAHAQEVKEAIDAGEL
;
_entity_poly.pdbx_strand_id   A,B
#
# COMPACT_ATOMS: atom_id res chain seq x y z
N TRP A 45 -24.57 -22.37 -15.28
CA TRP A 45 -25.64 -22.60 -14.33
C TRP A 45 -25.87 -24.09 -14.10
N LEU A 46 -25.56 -24.55 -12.87
CA LEU A 46 -25.70 -25.94 -12.47
C LEU A 46 -24.96 -26.84 -13.45
N PRO A 47 -23.64 -26.91 -13.39
CA PRO A 47 -22.89 -27.75 -14.33
C PRO A 47 -23.17 -29.24 -14.14
N SER A 48 -22.51 -30.08 -14.94
CA SER A 48 -22.72 -31.51 -14.86
C SER A 48 -22.39 -32.03 -13.47
N ARG A 49 -23.17 -33.02 -13.02
CA ARG A 49 -22.96 -33.58 -11.68
C ARG A 49 -21.58 -34.20 -11.56
N SER A 50 -21.08 -34.79 -12.64
CA SER A 50 -19.74 -35.37 -12.61
C SER A 50 -18.69 -34.32 -12.31
N PHE A 51 -18.81 -33.13 -12.91
CA PHE A 51 -17.84 -32.07 -12.67
C PHE A 51 -17.89 -31.59 -11.22
N ILE A 52 -19.09 -31.41 -10.68
CA ILE A 52 -19.23 -30.96 -9.30
C ILE A 52 -18.65 -31.99 -8.35
N ALA A 53 -18.97 -33.26 -8.57
CA ALA A 53 -18.43 -34.33 -7.73
C ALA A 53 -16.90 -34.37 -7.82
N ALA A 54 -16.36 -34.18 -9.02
CA ALA A 54 -14.91 -34.19 -9.20
C ALA A 54 -14.25 -33.06 -8.42
N VAL A 55 -14.76 -31.84 -8.57
CA VAL A 55 -14.12 -30.70 -7.90
C VAL A 55 -14.26 -30.83 -6.39
N ILE A 56 -15.41 -31.31 -5.91
CA ILE A 56 -15.59 -31.48 -4.47
C ILE A 56 -14.65 -32.55 -3.94
N ALA A 57 -14.51 -33.66 -4.66
CA ALA A 57 -13.58 -34.70 -4.24
C ALA A 57 -12.16 -34.19 -4.20
N ILE A 58 -11.76 -33.37 -5.17
CA ILE A 58 -10.40 -32.84 -5.17
C ILE A 58 -10.17 -31.91 -4.00
N GLY A 59 -11.13 -31.01 -3.71
CA GLY A 59 -10.94 -30.12 -2.58
C GLY A 59 -11.19 -30.73 -1.22
N GLY A 60 -11.71 -31.96 -1.19
CA GLY A 60 -11.99 -32.61 0.09
C GLY A 60 -10.77 -32.81 0.95
N MET A 61 -9.61 -33.05 0.34
CA MET A 61 -8.41 -33.25 1.15
C MET A 61 -8.02 -31.98 1.88
N GLN A 62 -8.07 -30.84 1.19
CA GLN A 62 -7.82 -29.56 1.84
C GLN A 62 -8.83 -29.29 2.94
N LEU A 63 -10.11 -29.55 2.66
CA LEU A 63 -11.13 -29.36 3.68
C LEU A 63 -10.83 -30.19 4.92
N LEU A 64 -10.52 -31.47 4.73
CA LEU A 64 -10.23 -32.36 5.85
C LEU A 64 -9.01 -31.91 6.62
N ALA A 65 -7.95 -31.50 5.91
CA ALA A 65 -6.72 -31.11 6.59
C ALA A 65 -6.94 -29.90 7.48
N THR A 66 -7.52 -28.83 6.92
CA THR A 66 -7.73 -27.64 7.73
C THR A 66 -8.77 -27.87 8.83
N MET A 67 -9.79 -28.69 8.56
CA MET A 67 -10.77 -29.01 9.58
C MET A 67 -10.12 -29.71 10.76
N ASP A 68 -9.29 -30.71 10.49
CA ASP A 68 -8.63 -31.44 11.56
C ASP A 68 -7.65 -30.55 12.33
N SER A 69 -6.92 -29.70 11.62
CA SER A 69 -5.99 -28.80 12.31
C SER A 69 -6.73 -27.87 13.25
N THR A 70 -7.80 -27.23 12.78
CA THR A 70 -8.56 -26.33 13.63
C THR A 70 -9.20 -27.06 14.80
N VAL A 71 -9.71 -28.28 14.56
CA VAL A 71 -10.35 -29.04 15.63
C VAL A 71 -9.33 -29.40 16.70
N ALA A 72 -8.14 -29.83 16.30
CA ALA A 72 -7.10 -30.15 17.28
C ALA A 72 -6.69 -28.91 18.07
N ILE A 73 -6.53 -27.78 17.40
CA ILE A 73 -6.16 -26.55 18.10
C ILE A 73 -7.24 -26.18 19.11
N VAL A 74 -8.50 -26.34 18.75
CA VAL A 74 -9.60 -26.02 19.66
C VAL A 74 -9.62 -26.98 20.85
N ALA A 75 -9.40 -28.27 20.61
CA ALA A 75 -9.76 -29.31 21.60
C ALA A 75 -8.54 -29.64 22.47
N LEU A 76 -7.38 -29.02 22.19
CA LEU A 76 -6.08 -29.41 22.80
C LEU A 76 -6.05 -29.18 24.32
N PRO A 77 -6.60 -28.08 24.91
CA PRO A 77 -6.68 -27.96 26.36
C PRO A 77 -7.52 -29.07 27.01
N LYS A 78 -8.62 -29.47 26.35
CA LYS A 78 -9.44 -30.59 26.82
C LYS A 78 -8.62 -31.89 26.76
N ILE A 79 -7.94 -32.14 25.65
CA ILE A 79 -7.06 -33.29 25.54
C ILE A 79 -6.03 -33.28 26.67
N GLN A 80 -5.45 -32.10 26.95
CA GLN A 80 -4.50 -32.00 28.05
C GLN A 80 -5.17 -32.28 29.39
N ASN A 81 -6.40 -31.79 29.58
CA ASN A 81 -7.09 -31.98 30.85
C ASN A 81 -7.43 -33.45 31.08
N GLU A 82 -7.87 -34.15 30.04
CA GLU A 82 -8.34 -35.52 30.21
C GLU A 82 -7.19 -36.50 30.29
N LEU A 83 -6.29 -36.50 29.31
CA LEU A 83 -5.17 -37.43 29.27
C LEU A 83 -4.05 -37.05 30.22
N SER A 84 -4.16 -35.90 30.91
CA SER A 84 -3.16 -35.44 31.86
C SER A 84 -1.79 -35.31 31.20
N LEU A 85 -1.76 -34.67 30.04
CA LEU A 85 -0.54 -34.45 29.29
C LEU A 85 0.16 -33.18 29.75
N SER A 86 1.49 -33.22 29.74
CA SER A 86 2.30 -32.06 30.08
C SER A 86 2.39 -31.15 28.86
N ASP A 87 3.26 -30.13 28.94
CA ASP A 87 3.46 -29.25 27.79
C ASP A 87 4.12 -29.99 26.64
N ALA A 88 4.95 -31.01 26.94
CA ALA A 88 5.55 -31.80 25.89
C ALA A 88 4.50 -32.48 25.02
N GLY A 89 3.56 -33.19 25.65
CA GLY A 89 2.48 -33.79 24.89
C GLY A 89 1.57 -32.77 24.25
N ARG A 90 1.36 -31.63 24.91
CA ARG A 90 0.57 -30.55 24.33
C ARG A 90 1.13 -30.11 22.99
N SER A 91 2.44 -29.85 22.94
CA SER A 91 3.07 -29.51 21.66
C SER A 91 3.09 -30.69 20.71
N TRP A 92 3.28 -31.91 21.24
CA TRP A 92 3.38 -33.09 20.39
C TRP A 92 2.09 -33.35 19.61
N VAL A 93 0.94 -33.02 20.21
CA VAL A 93 -0.34 -33.31 19.56
C VAL A 93 -0.40 -32.67 18.17
N ILE A 94 0.19 -31.48 18.02
CA ILE A 94 0.21 -30.83 16.72
C ILE A 94 1.50 -31.11 15.96
N THR A 95 2.62 -31.23 16.68
CA THR A 95 3.90 -31.44 16.02
C THR A 95 3.93 -32.79 15.28
N ALA A 96 3.28 -33.81 15.85
CA ALA A 96 3.27 -35.12 15.20
C ALA A 96 2.57 -35.07 13.85
N TYR A 97 1.47 -34.33 13.77
CA TYR A 97 0.78 -34.19 12.49
C TYR A 97 1.58 -33.33 11.52
N VAL A 98 2.10 -32.20 12.00
CA VAL A 98 2.78 -31.26 11.11
C VAL A 98 4.06 -31.88 10.55
N LEU A 99 4.75 -32.69 11.36
CA LEU A 99 5.98 -33.33 10.92
C LEU A 99 5.75 -34.18 9.68
N THR A 100 4.80 -35.10 9.75
CA THR A 100 4.53 -35.99 8.63
C THR A 100 3.74 -35.33 7.52
N PHE A 101 3.08 -34.20 7.79
CA PHE A 101 2.44 -33.48 6.72
C PHE A 101 3.46 -32.72 5.88
N GLY A 102 4.48 -32.14 6.52
CA GLY A 102 5.48 -31.39 5.79
C GLY A 102 6.59 -32.24 5.21
N GLY A 103 6.91 -33.36 5.88
CA GLY A 103 8.00 -34.19 5.40
C GLY A 103 7.68 -34.92 4.11
N LEU A 104 6.50 -35.53 4.05
CA LEU A 104 6.14 -36.39 2.92
C LEU A 104 5.34 -35.66 1.85
N MET A 105 5.13 -34.35 1.99
CA MET A 105 4.31 -33.62 1.01
C MET A 105 4.99 -33.57 -0.35
N LEU A 106 6.31 -33.38 -0.38
CA LEU A 106 7.03 -33.36 -1.65
C LEU A 106 7.06 -34.73 -2.31
N LEU A 107 6.81 -35.81 -1.53
CA LEU A 107 6.80 -37.15 -2.10
C LEU A 107 5.51 -37.44 -2.85
N GLY A 108 4.38 -36.90 -2.40
CA GLY A 108 3.10 -37.22 -3.00
C GLY A 108 2.98 -36.79 -4.46
N GLY A 109 3.64 -35.69 -4.82
CA GLY A 109 3.57 -35.24 -6.20
C GLY A 109 4.12 -36.25 -7.18
N ARG A 110 5.27 -36.85 -6.85
CA ARG A 110 5.81 -37.91 -7.69
C ARG A 110 5.12 -39.24 -7.45
N LEU A 111 4.54 -39.43 -6.26
CA LEU A 111 3.82 -40.67 -5.96
C LEU A 111 2.61 -40.82 -6.86
N GLY A 112 1.85 -39.72 -7.04
CA GLY A 112 0.72 -39.75 -7.93
C GLY A 112 1.09 -40.02 -9.38
N ASP A 113 2.36 -39.76 -9.73
CA ASP A 113 2.80 -40.03 -11.10
C ASP A 113 3.31 -41.46 -11.24
N THR A 114 3.92 -42.01 -10.18
CA THR A 114 4.47 -43.36 -10.30
C THR A 114 3.42 -44.45 -10.09
N ILE A 115 2.38 -44.18 -9.30
CA ILE A 115 1.32 -45.15 -9.08
C ILE A 115 0.01 -44.75 -9.75
N GLY A 116 -0.35 -43.47 -9.66
CA GLY A 116 -1.60 -43.01 -10.22
C GLY A 116 -2.23 -41.93 -9.36
N ARG A 117 -2.67 -40.84 -9.98
CA ARG A 117 -3.16 -39.71 -9.21
C ARG A 117 -4.43 -40.05 -8.45
N LYS A 118 -5.39 -40.69 -9.13
CA LYS A 118 -6.61 -41.10 -8.43
C LYS A 118 -6.31 -42.13 -7.35
N ARG A 119 -5.44 -43.10 -7.65
CA ARG A 119 -5.10 -44.13 -6.68
C ARG A 119 -4.40 -43.53 -5.46
N THR A 120 -3.46 -42.61 -5.69
CA THR A 120 -2.76 -41.99 -4.58
C THR A 120 -3.69 -41.11 -3.75
N PHE A 121 -4.62 -40.41 -4.41
CA PHE A 121 -5.60 -39.61 -3.67
C PHE A 121 -6.48 -40.50 -2.81
N ILE A 122 -6.95 -41.62 -3.36
CA ILE A 122 -7.78 -42.55 -2.59
C ILE A 122 -7.00 -43.07 -1.40
N VAL A 123 -5.75 -43.48 -1.62
CA VAL A 123 -4.94 -44.04 -0.54
C VAL A 123 -4.71 -42.99 0.55
N GLY A 124 -4.41 -41.76 0.16
CA GLY A 124 -4.14 -40.72 1.15
C GLY A 124 -5.37 -40.38 1.98
N VAL A 125 -6.52 -40.23 1.33
CA VAL A 125 -7.73 -39.87 2.07
C VAL A 125 -8.17 -41.04 2.96
N ALA A 126 -8.02 -42.28 2.48
CA ALA A 126 -8.36 -43.43 3.31
C ALA A 126 -7.45 -43.52 4.52
N LEU A 127 -6.15 -43.26 4.33
CA LEU A 127 -5.22 -43.26 5.45
C LEU A 127 -5.57 -42.18 6.45
N PHE A 128 -5.94 -40.99 5.96
CA PHE A 128 -6.33 -39.90 6.86
C PHE A 128 -7.58 -40.29 7.66
N THR A 129 -8.56 -40.92 7.00
CA THR A 129 -9.79 -41.29 7.68
C THR A 129 -9.55 -42.35 8.74
N ILE A 130 -8.79 -43.40 8.39
CA ILE A 130 -8.48 -44.45 9.36
C ILE A 130 -7.66 -43.88 10.50
N SER A 131 -6.77 -42.93 10.20
CA SER A 131 -5.94 -42.32 11.24
C SER A 131 -6.79 -41.50 12.19
N SER A 132 -7.77 -40.77 11.68
CA SER A 132 -8.69 -40.04 12.55
C SER A 132 -9.51 -41.01 13.41
N VAL A 133 -9.93 -42.14 12.82
CA VAL A 133 -10.66 -43.16 13.58
C VAL A 133 -9.82 -43.64 14.75
N LEU A 134 -8.55 -43.96 14.49
CA LEU A 134 -7.69 -44.47 15.55
C LEU A 134 -7.28 -43.36 16.52
N CYS A 135 -7.30 -42.10 16.09
CA CYS A 135 -7.01 -40.98 16.98
C CYS A 135 -8.14 -40.77 17.97
N ALA A 136 -9.38 -40.91 17.52
CA ALA A 136 -10.52 -40.70 18.43
C ALA A 136 -10.71 -41.83 19.42
N VAL A 137 -9.81 -42.82 19.51
CA VAL A 137 -9.93 -43.89 20.49
C VAL A 137 -8.63 -44.04 21.25
N ALA A 138 -7.77 -43.02 21.17
CA ALA A 138 -6.49 -43.07 21.84
C ALA A 138 -6.66 -43.10 23.35
N TRP A 139 -5.80 -43.86 24.03
CA TRP A 139 -5.86 -44.01 25.47
C TRP A 139 -4.65 -43.46 26.21
N ASP A 140 -3.60 -43.08 25.50
CA ASP A 140 -2.41 -42.51 26.13
C ASP A 140 -1.77 -41.52 25.16
N GLU A 141 -0.58 -41.04 25.51
CA GLU A 141 0.11 -40.05 24.67
C GLU A 141 0.71 -40.69 23.43
N ALA A 142 1.26 -41.90 23.57
CA ALA A 142 1.91 -42.55 22.44
C ALA A 142 0.92 -42.85 21.32
N THR A 143 -0.27 -43.33 21.68
CA THR A 143 -1.28 -43.63 20.66
C THR A 143 -1.72 -42.37 19.94
N LEU A 144 -1.92 -41.28 20.69
CA LEU A 144 -2.30 -40.01 20.06
C LEU A 144 -1.20 -39.51 19.12
N VAL A 145 0.05 -39.61 19.55
CA VAL A 145 1.15 -39.15 18.70
C VAL A 145 1.24 -40.00 17.43
N ILE A 146 1.09 -41.32 17.56
CA ILE A 146 1.12 -42.19 16.39
C ILE A 146 -0.02 -41.85 15.44
N ALA A 147 -1.22 -41.62 15.99
CA ALA A 147 -2.36 -41.26 15.16
C ALA A 147 -2.14 -39.95 14.43
N ARG A 148 -1.60 -38.96 15.12
CA ARG A 148 -1.33 -37.68 14.47
C ARG A 148 -0.28 -37.82 13.38
N LEU A 149 0.76 -38.63 13.64
CA LEU A 149 1.78 -38.86 12.62
C LEU A 149 1.19 -39.52 11.38
N SER A 150 0.32 -40.52 11.58
CA SER A 150 -0.27 -41.20 10.44
C SER A 150 -1.26 -40.30 9.70
N GLN A 151 -1.97 -39.44 10.43
CA GLN A 151 -2.81 -38.43 9.79
C GLN A 151 -1.98 -37.50 8.93
N GLY A 152 -0.83 -37.06 9.44
CA GLY A 152 0.06 -36.23 8.64
C GLY A 152 0.57 -36.95 7.40
N VAL A 153 0.88 -38.24 7.55
CA VAL A 153 1.31 -39.03 6.39
C VAL A 153 0.22 -39.05 5.32
N GLY A 154 -1.02 -39.34 5.73
CA GLY A 154 -2.12 -39.36 4.78
C GLY A 154 -2.35 -38.02 4.12
N SER A 155 -2.30 -36.94 4.90
CA SER A 155 -2.51 -35.61 4.35
C SER A 155 -1.42 -35.23 3.36
N ALA A 156 -0.17 -35.55 3.69
CA ALA A 156 0.94 -35.26 2.79
C ALA A 156 0.86 -36.09 1.51
N ILE A 157 0.32 -37.31 1.61
CA ILE A 157 0.16 -38.12 0.42
C ILE A 157 -0.95 -37.56 -0.47
N ALA A 158 -2.04 -37.08 0.14
CA ALA A 158 -3.26 -36.81 -0.63
C ALA A 158 -3.44 -35.36 -1.05
N SER A 159 -2.81 -34.39 -0.38
CA SER A 159 -3.11 -33.00 -0.74
C SER A 159 -2.38 -32.51 -2.00
N PRO A 160 -1.07 -32.72 -2.14
CA PRO A 160 -0.43 -32.35 -3.42
C PRO A 160 -1.00 -33.13 -4.58
N THR A 161 -1.46 -34.35 -4.34
CA THR A 161 -2.16 -35.10 -5.38
C THR A 161 -3.42 -34.39 -5.83
N GLY A 162 -4.16 -33.80 -4.89
CA GLY A 162 -5.33 -33.02 -5.27
C GLY A 162 -4.97 -31.76 -6.03
N LEU A 163 -3.93 -31.06 -5.58
CA LEU A 163 -3.51 -29.86 -6.32
C LEU A 163 -3.08 -30.20 -7.73
N ALA A 164 -2.42 -31.34 -7.93
CA ALA A 164 -2.06 -31.78 -9.27
C ALA A 164 -3.28 -32.21 -10.06
N LEU A 165 -4.26 -32.84 -9.40
CA LEU A 165 -5.46 -33.28 -10.07
C LEU A 165 -6.29 -32.11 -10.58
N VAL A 166 -6.23 -30.97 -9.88
CA VAL A 166 -6.94 -29.78 -10.35
C VAL A 166 -6.51 -29.43 -11.77
N ALA A 167 -5.19 -29.47 -12.04
CA ALA A 167 -4.67 -29.17 -13.36
C ALA A 167 -4.74 -30.36 -14.31
N THR A 168 -4.74 -31.59 -13.79
CA THR A 168 -4.68 -32.75 -14.66
C THR A 168 -6.06 -33.12 -15.21
N THR A 169 -7.06 -33.23 -14.32
CA THR A 169 -8.36 -33.74 -14.74
C THR A 169 -9.19 -32.71 -15.52
N PHE A 170 -8.77 -31.45 -15.55
CA PHE A 170 -9.50 -30.42 -16.27
C PHE A 170 -8.54 -29.68 -17.22
N PRO A 171 -8.81 -29.68 -18.51
CA PRO A 171 -8.01 -28.87 -19.44
C PRO A 171 -8.08 -27.39 -19.08
N LYS A 172 -7.12 -26.64 -19.64
CA LYS A 172 -7.07 -25.21 -19.39
C LYS A 172 -8.35 -24.53 -19.85
N GLY A 173 -8.84 -23.59 -19.05
CA GLY A 173 -10.04 -22.86 -19.38
C GLY A 173 -10.96 -22.68 -18.20
N PRO A 174 -12.27 -22.54 -18.47
CA PRO A 174 -13.23 -22.35 -17.38
C PRO A 174 -13.28 -23.49 -16.39
N ALA A 175 -13.02 -24.72 -16.84
CA ALA A 175 -13.05 -25.87 -15.94
C ALA A 175 -11.97 -25.74 -14.87
N ARG A 176 -10.76 -25.36 -15.27
CA ARG A 176 -9.68 -25.19 -14.30
C ARG A 176 -9.96 -24.03 -13.36
N ASN A 177 -10.56 -22.96 -13.87
CA ASN A 177 -10.91 -21.82 -13.02
C ASN A 177 -11.93 -22.22 -11.96
N ALA A 178 -12.96 -22.97 -12.37
CA ALA A 178 -13.96 -23.43 -11.41
C ALA A 178 -13.34 -24.40 -10.40
N ALA A 179 -12.43 -25.27 -10.86
CA ALA A 179 -11.78 -26.19 -9.93
C ALA A 179 -10.92 -25.44 -8.92
N THR A 180 -10.21 -24.41 -9.37
CA THR A 180 -9.42 -23.59 -8.45
C THR A 180 -10.30 -22.88 -7.43
N ALA A 181 -11.41 -22.29 -7.89
CA ALA A 181 -12.33 -21.63 -6.97
C ALA A 181 -12.87 -22.62 -5.94
N VAL A 182 -13.24 -23.82 -6.38
CA VAL A 182 -13.75 -24.83 -5.46
C VAL A 182 -12.68 -25.25 -4.47
N PHE A 183 -11.45 -25.43 -4.95
CA PHE A 183 -10.31 -25.76 -4.09
C PHE A 183 -10.19 -24.77 -2.93
N ALA A 184 -10.03 -23.48 -3.27
CA ALA A 184 -9.81 -22.49 -2.23
C ALA A 184 -11.04 -22.31 -1.34
N ALA A 185 -12.23 -22.30 -1.94
CA ALA A 185 -13.45 -22.14 -1.16
C ALA A 185 -13.60 -23.27 -0.14
N MET A 186 -13.35 -24.50 -0.56
CA MET A 186 -13.48 -25.62 0.35
C MET A 186 -12.36 -25.67 1.38
N THR A 187 -11.18 -25.12 1.08
CA THR A 187 -10.19 -24.92 2.14
C THR A 187 -10.75 -24.00 3.23
N ALA A 188 -11.33 -22.87 2.82
CA ALA A 188 -11.89 -21.93 3.80
C ALA A 188 -13.04 -22.58 4.58
N ILE A 189 -13.92 -23.30 3.88
CA ILE A 189 -15.03 -23.97 4.56
C ILE A 189 -14.51 -25.01 5.54
N GLY A 190 -13.45 -25.74 5.17
CA GLY A 190 -12.87 -26.68 6.10
C GLY A 190 -12.37 -26.01 7.37
N SER A 191 -11.66 -24.90 7.23
CA SER A 191 -11.17 -24.18 8.41
C SER A 191 -12.32 -23.74 9.31
N VAL A 192 -13.30 -23.04 8.73
CA VAL A 192 -14.38 -22.48 9.54
C VAL A 192 -15.24 -23.59 10.14
N MET A 193 -15.51 -24.64 9.37
CA MET A 193 -16.28 -25.77 9.88
C MET A 193 -15.56 -26.50 10.99
N GLY A 194 -14.23 -26.61 10.90
CA GLY A 194 -13.49 -27.19 12.01
C GLY A 194 -13.60 -26.35 13.27
N LEU A 195 -13.50 -25.03 13.12
CA LEU A 195 -13.68 -24.15 14.28
C LEU A 195 -15.07 -24.33 14.89
N VAL A 196 -16.10 -24.37 14.04
CA VAL A 196 -17.47 -24.51 14.52
C VAL A 196 -17.67 -25.85 15.21
N VAL A 197 -17.15 -26.92 14.63
CA VAL A 197 -17.31 -28.25 15.20
C VAL A 197 -16.60 -28.35 16.54
N GLY A 198 -15.39 -27.82 16.63
CA GLY A 198 -14.69 -27.82 17.91
C GLY A 198 -15.45 -27.04 18.97
N GLY A 199 -15.95 -25.86 18.62
CA GLY A 199 -16.72 -25.09 19.57
C GLY A 199 -17.98 -25.79 20.03
N ALA A 200 -18.67 -26.44 19.10
CA ALA A 200 -19.91 -27.14 19.46
C ALA A 200 -19.62 -28.37 20.31
N LEU A 201 -18.52 -29.07 20.03
CA LEU A 201 -18.18 -30.31 20.71
C LEU A 201 -17.34 -30.08 21.96
N THR A 202 -17.05 -28.83 22.30
CA THR A 202 -16.21 -28.54 23.47
C THR A 202 -16.82 -29.08 24.76
N GLU A 203 -18.15 -29.03 24.91
CA GLU A 203 -18.77 -29.44 26.16
C GLU A 203 -18.54 -30.92 26.44
N VAL A 204 -18.77 -31.78 25.44
CA VAL A 204 -18.58 -33.21 25.59
C VAL A 204 -17.10 -33.54 25.40
N SER A 205 -16.73 -34.80 25.66
CA SER A 205 -15.34 -35.22 25.56
C SER A 205 -14.77 -34.94 24.16
N TRP A 206 -13.45 -34.76 24.12
CA TRP A 206 -12.78 -34.41 22.87
C TRP A 206 -12.73 -35.57 21.90
N ARG A 207 -13.00 -36.80 22.35
CA ARG A 207 -12.94 -37.96 21.48
C ARG A 207 -13.97 -37.91 20.37
N TRP A 208 -15.04 -37.13 20.55
CA TRP A 208 -16.04 -36.97 19.51
C TRP A 208 -15.66 -35.92 18.47
N ALA A 209 -14.64 -35.10 18.74
CA ALA A 209 -14.23 -34.08 17.79
C ALA A 209 -13.38 -34.63 16.66
N PHE A 210 -12.76 -35.80 16.85
CA PHE A 210 -11.96 -36.42 15.80
C PHE A 210 -12.75 -37.41 14.95
N LEU A 211 -13.89 -37.89 15.44
CA LEU A 211 -14.74 -38.76 14.64
C LEU A 211 -15.48 -38.00 13.54
N VAL A 212 -15.45 -36.67 13.55
CA VAL A 212 -16.11 -35.91 12.49
C VAL A 212 -15.38 -36.05 11.17
N ASN A 213 -14.09 -36.38 11.18
CA ASN A 213 -13.33 -36.51 9.95
C ASN A 213 -13.61 -37.83 9.23
N VAL A 214 -14.33 -38.75 9.87
CA VAL A 214 -14.61 -40.06 9.29
C VAL A 214 -15.71 -39.98 8.24
N PRO A 215 -16.90 -39.43 8.55
CA PRO A 215 -17.93 -39.37 7.50
C PRO A 215 -17.53 -38.53 6.32
N ILE A 216 -16.90 -37.37 6.56
CA ILE A 216 -16.44 -36.53 5.46
C ILE A 216 -15.37 -37.24 4.65
N GLY A 217 -14.45 -37.93 5.34
CA GLY A 217 -13.41 -38.66 4.63
C GLY A 217 -13.99 -39.74 3.74
N LEU A 218 -14.95 -40.51 4.26
CA LEU A 218 -15.57 -41.55 3.44
C LEU A 218 -16.35 -40.95 2.27
N VAL A 219 -17.04 -39.83 2.50
CA VAL A 219 -17.80 -39.18 1.44
C VAL A 219 -16.87 -38.76 0.31
N MET A 220 -15.74 -38.13 0.66
CA MET A 220 -14.83 -37.68 -0.40
C MET A 220 -14.09 -38.85 -1.04
N ILE A 221 -13.85 -39.93 -0.29
CA ILE A 221 -13.29 -41.13 -0.90
C ILE A 221 -14.22 -41.66 -1.98
N TYR A 222 -15.50 -41.78 -1.65
CA TYR A 222 -16.48 -42.24 -2.64
C TYR A 222 -16.58 -41.30 -3.82
N LEU A 223 -16.58 -39.99 -3.55
CA LEU A 223 -16.68 -39.01 -4.63
C LEU A 223 -15.49 -39.10 -5.58
N ALA A 224 -14.27 -39.25 -5.03
CA ALA A 224 -13.10 -39.39 -5.88
C ALA A 224 -13.04 -40.74 -6.58
N ARG A 225 -13.66 -41.78 -6.00
CA ARG A 225 -13.67 -43.08 -6.66
C ARG A 225 -14.61 -43.09 -7.85
N THR A 226 -15.81 -42.53 -7.70
CA THR A 226 -16.78 -42.58 -8.79
C THR A 226 -16.62 -41.44 -9.78
N ALA A 227 -16.42 -40.21 -9.31
CA ALA A 227 -16.35 -39.06 -10.22
C ALA A 227 -15.10 -39.12 -11.09
N LEU A 228 -13.94 -39.33 -10.48
CA LEU A 228 -12.70 -39.30 -11.24
C LEU A 228 -12.54 -40.53 -12.12
N ARG A 229 -11.90 -40.32 -13.26
CA ARG A 229 -11.53 -41.40 -14.19
C ARG A 229 -10.03 -41.57 -14.19
N GLU A 230 -9.59 -42.83 -14.16
CA GLU A 230 -8.17 -43.12 -14.27
C GLU A 230 -7.68 -42.81 -15.68
N THR A 231 -6.53 -42.15 -15.77
CA THR A 231 -5.95 -41.78 -17.05
C THR A 231 -5.30 -43.00 -17.69
N ASN A 232 -4.56 -42.79 -18.77
CA ASN A 232 -3.85 -43.89 -19.41
C ASN A 232 -2.81 -44.47 -18.45
N LYS A 233 -2.65 -45.80 -18.52
CA LYS A 233 -1.74 -46.51 -17.62
C LYS A 233 -0.29 -46.30 -18.04
N GLU A 234 0.11 -45.03 -18.04
CA GLU A 234 1.48 -44.66 -18.39
C GLU A 234 2.30 -44.49 -17.12
N ARG A 235 2.44 -45.60 -16.40
CA ARG A 235 3.22 -45.60 -15.17
C ARG A 235 4.71 -45.50 -15.49
N MET A 236 5.42 -44.69 -14.73
CA MET A 236 6.84 -44.47 -14.93
C MET A 236 7.56 -44.47 -13.59
N LYS A 237 8.83 -44.90 -13.62
CA LYS A 237 9.57 -45.23 -12.42
C LYS A 237 9.86 -44.00 -11.56
N LEU A 238 10.04 -44.22 -10.28
CA LEU A 238 10.34 -43.18 -9.31
C LEU A 238 11.76 -43.35 -8.77
N ASP A 239 12.48 -42.25 -8.66
CA ASP A 239 13.81 -42.25 -8.08
C ASP A 239 13.68 -42.24 -6.56
N ALA A 240 14.09 -43.34 -5.92
CA ALA A 240 13.95 -43.46 -4.48
C ALA A 240 14.88 -42.50 -3.75
N THR A 241 16.06 -42.26 -4.31
CA THR A 241 17.05 -41.43 -3.62
C THR A 241 16.54 -40.01 -3.38
N GLY A 242 16.02 -39.38 -4.43
CA GLY A 242 15.53 -38.02 -4.29
C GLY A 242 14.35 -37.93 -3.34
N ALA A 243 13.43 -38.89 -3.43
CA ALA A 243 12.27 -38.89 -2.54
C ALA A 243 12.70 -39.04 -1.08
N ILE A 244 13.59 -40.00 -0.81
CA ILE A 244 14.04 -40.20 0.57
C ILE A 244 14.76 -38.98 1.09
N LEU A 245 15.63 -38.37 0.26
CA LEU A 245 16.37 -37.20 0.71
C LEU A 245 15.45 -36.03 0.98
N ALA A 246 14.48 -35.78 0.10
CA ALA A 246 13.55 -34.67 0.31
C ALA A 246 12.70 -34.91 1.55
N THR A 247 12.22 -36.14 1.74
CA THR A 247 11.41 -36.44 2.92
C THR A 247 12.21 -36.23 4.20
N LEU A 248 13.45 -36.73 4.24
CA LEU A 248 14.28 -36.56 5.42
C LEU A 248 14.57 -35.09 5.69
N ALA A 249 14.91 -34.33 4.64
CA ALA A 249 15.21 -32.91 4.83
C ALA A 249 14.01 -32.15 5.37
N CYS A 250 12.84 -32.35 4.75
CA CYS A 250 11.65 -31.63 5.19
C CYS A 250 11.26 -32.02 6.60
N THR A 251 11.31 -33.33 6.91
CA THR A 251 10.95 -33.78 8.25
C THR A 251 11.89 -33.21 9.30
N ALA A 252 13.19 -33.21 9.03
CA ALA A 252 14.15 -32.69 10.00
C ALA A 252 13.98 -31.18 10.19
N ALA A 253 13.73 -30.46 9.09
CA ALA A 253 13.51 -29.02 9.20
C ALA A 253 12.26 -28.71 10.03
N VAL A 254 11.17 -29.45 9.78
CA VAL A 254 9.95 -29.23 10.54
C VAL A 254 10.17 -29.58 12.02
N PHE A 255 10.89 -30.67 12.28
CA PHE A 255 11.19 -31.05 13.66
C PHE A 255 11.98 -29.96 14.36
N ALA A 256 13.00 -29.40 13.69
CA ALA A 256 13.79 -28.33 14.29
C ALA A 256 12.92 -27.12 14.58
N PHE A 257 12.11 -26.70 13.61
CA PHE A 257 11.29 -25.50 13.79
C PHE A 257 10.28 -25.68 14.92
N SER A 258 9.70 -26.88 15.03
CA SER A 258 8.69 -27.12 16.07
C SER A 258 9.30 -27.32 17.44
N ILE A 259 10.51 -27.89 17.52
CA ILE A 259 11.14 -28.13 18.81
C ILE A 259 11.93 -26.92 19.31
N GLY A 260 12.19 -25.93 18.47
CA GLY A 260 12.84 -24.73 18.90
C GLY A 260 12.16 -24.06 20.07
N PRO A 261 10.95 -23.52 19.84
CA PRO A 261 10.17 -22.90 20.91
C PRO A 261 10.24 -23.58 22.27
N GLU A 262 9.95 -24.88 22.30
CA GLU A 262 9.78 -25.57 23.57
C GLU A 262 11.12 -25.99 24.18
N LYS A 263 12.05 -26.49 23.37
CA LYS A 263 13.29 -27.05 23.88
C LYS A 263 14.46 -26.09 23.77
N GLY A 264 14.21 -24.81 23.48
CA GLY A 264 15.28 -23.84 23.40
C GLY A 264 15.93 -23.79 22.04
N TRP A 265 16.07 -22.59 21.48
CA TRP A 265 16.71 -22.45 20.17
C TRP A 265 18.19 -22.83 20.22
N MET A 266 18.85 -22.60 21.36
CA MET A 266 20.28 -22.82 21.48
C MET A 266 20.64 -24.23 21.93
N SER A 267 19.65 -25.11 22.11
CA SER A 267 19.95 -26.46 22.55
C SER A 267 20.57 -27.27 21.41
N GLY A 268 21.06 -28.46 21.76
CA GLY A 268 21.72 -29.30 20.78
C GLY A 268 20.77 -30.05 19.87
N ILE A 269 19.56 -30.35 20.37
CA ILE A 269 18.62 -31.14 19.58
C ILE A 269 18.16 -30.36 18.36
N THR A 270 17.74 -29.10 18.57
CA THR A 270 17.25 -28.29 17.46
C THR A 270 18.36 -27.99 16.45
N ILE A 271 19.56 -27.70 16.93
CA ILE A 271 20.66 -27.39 16.01
C ILE A 271 21.07 -28.64 15.24
N GLY A 272 21.02 -29.81 15.88
CA GLY A 272 21.33 -31.05 15.17
C GLY A 272 20.29 -31.37 14.11
N SER A 273 19.01 -31.18 14.43
CA SER A 273 17.96 -31.41 13.44
C SER A 273 18.08 -30.43 12.28
N GLY A 274 18.38 -29.16 12.57
CA GLY A 274 18.58 -28.20 11.50
C GLY A 274 19.77 -28.55 10.62
N LEU A 275 20.87 -29.00 11.24
CA LEU A 275 22.05 -29.38 10.46
C LEU A 275 21.77 -30.58 9.57
N VAL A 276 21.09 -31.60 10.10
CA VAL A 276 20.81 -32.76 9.26
C VAL A 276 19.82 -32.40 8.17
N ALA A 277 18.87 -31.50 8.45
CA ALA A 277 17.95 -31.05 7.41
C ALA A 277 18.69 -30.32 6.30
N LEU A 278 19.61 -29.42 6.67
CA LEU A 278 20.37 -28.70 5.66
C LEU A 278 21.24 -29.63 4.84
N ALA A 279 21.90 -30.59 5.49
CA ALA A 279 22.73 -31.55 4.76
C ALA A 279 21.90 -32.39 3.81
N ALA A 280 20.73 -32.85 4.27
CA ALA A 280 19.86 -33.65 3.42
C ALA A 280 19.34 -32.84 2.23
N ALA A 281 19.01 -31.56 2.47
CA ALA A 281 18.54 -30.72 1.38
C ALA A 281 19.64 -30.48 0.35
N VAL A 282 20.87 -30.25 0.81
CA VAL A 282 21.99 -30.05 -0.11
C VAL A 282 22.23 -31.31 -0.93
N ALA A 283 22.23 -32.48 -0.28
CA ALA A 283 22.42 -33.73 -0.98
C ALA A 283 21.27 -33.98 -1.96
N PHE A 284 20.05 -33.61 -1.58
CA PHE A 284 18.89 -33.79 -2.45
C PHE A 284 19.01 -32.93 -3.70
N VAL A 285 19.45 -31.69 -3.55
CA VAL A 285 19.67 -30.83 -4.70
C VAL A 285 20.78 -31.39 -5.58
N ILE A 286 21.84 -31.92 -4.96
CA ILE A 286 22.94 -32.50 -5.73
C ILE A 286 22.45 -33.67 -6.56
N VAL A 287 21.63 -34.54 -5.96
CA VAL A 287 21.10 -35.70 -6.69
C VAL A 287 20.14 -35.25 -7.78
N GLU A 288 19.29 -34.26 -7.50
CA GLU A 288 18.35 -33.78 -8.50
C GLU A 288 19.05 -33.10 -9.67
N ARG A 289 20.27 -32.59 -9.45
CA ARG A 289 21.03 -31.99 -10.55
C ARG A 289 21.24 -33.00 -11.68
N THR A 290 21.50 -34.26 -11.34
CA THR A 290 21.76 -35.30 -12.33
C THR A 290 20.69 -36.40 -12.29
N ALA A 291 19.51 -36.08 -11.77
CA ALA A 291 18.45 -37.08 -11.65
C ALA A 291 17.80 -37.35 -13.00
N GLU A 292 17.56 -38.63 -13.28
CA GLU A 292 16.91 -39.02 -14.54
C GLU A 292 15.41 -38.81 -14.50
N ASN A 293 14.81 -38.70 -13.31
CA ASN A 293 13.39 -38.38 -13.16
C ASN A 293 13.28 -37.43 -11.97
N PRO A 294 13.34 -36.12 -12.23
CA PRO A 294 13.44 -35.14 -11.14
C PRO A 294 12.18 -35.12 -10.28
N VAL A 295 12.36 -35.38 -8.97
CA VAL A 295 11.27 -35.18 -8.02
C VAL A 295 10.94 -33.70 -7.94
N VAL A 296 11.95 -32.85 -7.95
CA VAL A 296 11.76 -31.40 -8.01
C VAL A 296 12.45 -30.90 -9.28
N PRO A 297 11.71 -30.37 -10.25
CA PRO A 297 12.34 -29.89 -11.49
C PRO A 297 12.96 -28.53 -11.27
N PHE A 298 14.29 -28.49 -11.19
CA PHE A 298 15.01 -27.24 -10.95
C PHE A 298 15.19 -26.42 -12.23
N HIS A 299 15.02 -27.03 -13.40
CA HIS A 299 15.09 -26.27 -14.65
C HIS A 299 13.83 -25.48 -14.93
N LEU A 300 12.72 -25.82 -14.28
CA LEU A 300 11.47 -25.10 -14.49
C LEU A 300 11.53 -23.70 -13.90
N PHE A 301 12.20 -23.55 -12.76
CA PHE A 301 12.19 -22.29 -12.04
C PHE A 301 13.13 -21.24 -12.63
N ARG A 302 13.79 -21.56 -13.74
CA ARG A 302 14.54 -20.52 -14.46
C ARG A 302 13.61 -19.44 -14.99
N ASP A 303 12.33 -19.78 -15.19
CA ASP A 303 11.37 -18.80 -15.64
C ASP A 303 11.16 -17.72 -14.58
N ARG A 304 11.15 -16.46 -15.01
CA ARG A 304 10.89 -15.37 -14.08
C ARG A 304 9.44 -15.40 -13.59
N ASN A 305 8.49 -15.69 -14.48
CA ASN A 305 7.09 -15.73 -14.10
C ASN A 305 6.84 -16.78 -13.02
N ARG A 306 7.37 -17.98 -13.22
CA ARG A 306 7.14 -19.06 -12.26
C ARG A 306 7.80 -18.76 -10.92
N LEU A 307 9.03 -18.26 -10.94
CA LEU A 307 9.73 -17.95 -9.70
C LEU A 307 9.02 -16.86 -8.92
N VAL A 308 8.60 -15.79 -9.60
CA VAL A 308 7.89 -14.71 -8.95
C VAL A 308 6.55 -15.20 -8.41
N THR A 309 5.86 -16.05 -9.19
CA THR A 309 4.59 -16.59 -8.73
C THR A 309 4.75 -17.43 -7.48
N PHE A 310 5.80 -18.26 -7.42
CA PHE A 310 5.97 -19.13 -6.26
C PHE A 310 6.42 -18.34 -5.03
N SER A 311 7.25 -17.32 -5.22
CA SER A 311 7.62 -16.45 -4.10
C SER A 311 6.40 -15.72 -3.56
N ALA A 312 5.57 -15.18 -4.45
CA ALA A 312 4.34 -14.53 -4.02
C ALA A 312 3.41 -15.53 -3.34
N ILE A 313 3.38 -16.77 -3.82
CA ILE A 313 2.54 -17.79 -3.20
C ILE A 313 3.01 -18.05 -1.76
N LEU A 314 4.31 -18.19 -1.56
CA LEU A 314 4.85 -18.42 -0.23
C LEU A 314 4.48 -17.27 0.70
N LEU A 315 4.77 -16.03 0.29
CA LEU A 315 4.54 -14.91 1.21
C LEU A 315 3.06 -14.63 1.41
N ALA A 316 2.23 -14.91 0.40
CA ALA A 316 0.80 -14.71 0.54
C ALA A 316 0.17 -15.75 1.45
N GLY A 317 0.64 -17.01 1.35
CA GLY A 317 0.21 -18.01 2.31
C GLY A 317 0.63 -17.66 3.72
N GLY A 318 1.83 -17.09 3.87
CA GLY A 318 2.25 -16.61 5.17
C GLY A 318 1.34 -15.53 5.72
N VAL A 319 1.00 -14.56 4.87
CA VAL A 319 0.08 -13.49 5.28
C VAL A 319 -1.27 -14.06 5.67
N MET A 320 -1.78 -15.00 4.87
CA MET A 320 -3.09 -15.60 5.13
C MET A 320 -3.11 -16.34 6.47
N PHE A 321 -2.08 -17.16 6.72
CA PHE A 321 -2.05 -17.91 7.96
C PHE A 321 -1.87 -16.99 9.16
N SER A 322 -1.02 -15.96 9.03
CA SER A 322 -0.87 -14.99 10.11
C SER A 322 -2.19 -14.30 10.40
N LEU A 323 -2.91 -13.88 9.36
CA LEU A 323 -4.21 -13.27 9.55
C LEU A 323 -5.16 -14.21 10.26
N THR A 324 -5.26 -15.46 9.79
CA THR A 324 -6.19 -16.40 10.39
C THR A 324 -5.89 -16.61 11.87
N VAL A 325 -4.64 -16.93 12.20
CA VAL A 325 -4.29 -17.22 13.58
C VAL A 325 -4.49 -16.00 14.46
N CYS A 326 -4.06 -14.82 13.99
CA CYS A 326 -4.16 -13.62 14.82
C CYS A 326 -5.60 -13.22 15.04
N ILE A 327 -6.45 -13.26 14.00
CA ILE A 327 -7.84 -12.90 14.17
C ILE A 327 -8.55 -13.90 15.09
N GLY A 328 -8.26 -15.19 14.92
CA GLY A 328 -8.86 -16.17 15.81
C GLY A 328 -8.46 -15.94 17.26
N LEU A 329 -7.17 -15.72 17.51
CA LEU A 329 -6.71 -15.50 18.88
C LEU A 329 -7.32 -14.22 19.46
N TYR A 330 -7.40 -13.16 18.64
CA TYR A 330 -8.00 -11.91 19.11
C TYR A 330 -9.45 -12.13 19.51
N VAL A 331 -10.24 -12.77 18.63
CA VAL A 331 -11.66 -12.98 18.91
C VAL A 331 -11.84 -13.85 20.14
N GLN A 332 -10.96 -14.85 20.32
CA GLN A 332 -11.09 -15.74 21.47
C GLN A 332 -10.76 -15.02 22.77
N ASP A 333 -9.66 -14.27 22.78
CA ASP A 333 -9.14 -13.70 24.03
C ASP A 333 -9.75 -12.34 24.36
N ILE A 334 -9.57 -11.36 23.47
CA ILE A 334 -9.96 -9.99 23.81
C ILE A 334 -11.46 -9.84 23.80
N LEU A 335 -12.12 -10.32 22.74
CA LEU A 335 -13.56 -10.18 22.61
C LEU A 335 -14.33 -11.14 23.50
N GLY A 336 -13.67 -12.15 24.06
CA GLY A 336 -14.34 -13.07 24.96
C GLY A 336 -15.33 -14.01 24.30
N TYR A 337 -15.15 -14.30 23.02
CA TYR A 337 -16.04 -15.20 22.30
C TYR A 337 -15.56 -16.63 22.44
N SER A 338 -16.51 -17.56 22.58
CA SER A 338 -16.17 -18.97 22.59
C SER A 338 -15.81 -19.43 21.18
N ALA A 339 -15.36 -20.68 21.08
CA ALA A 339 -14.95 -21.21 19.79
C ALA A 339 -16.12 -21.31 18.82
N LEU A 340 -17.29 -21.74 19.32
CA LEU A 340 -18.47 -21.79 18.47
C LEU A 340 -18.89 -20.38 18.03
N ARG A 341 -18.80 -19.41 18.94
CA ARG A 341 -19.09 -18.03 18.58
C ARG A 341 -18.10 -17.52 17.53
N ALA A 342 -16.82 -17.87 17.69
CA ALA A 342 -15.83 -17.46 16.70
C ALA A 342 -16.12 -18.06 15.33
N GLY A 343 -16.52 -19.34 15.30
CA GLY A 343 -16.83 -19.96 14.01
C GLY A 343 -18.05 -19.37 13.35
N VAL A 344 -19.13 -19.15 14.12
CA VAL A 344 -20.33 -18.55 13.54
C VAL A 344 -20.10 -17.10 13.17
N GLY A 345 -19.10 -16.44 13.77
CA GLY A 345 -18.73 -15.11 13.33
C GLY A 345 -17.81 -15.08 12.14
N PHE A 346 -17.04 -16.15 11.91
CA PHE A 346 -16.17 -16.23 10.76
C PHE A 346 -16.83 -16.86 9.54
N ILE A 347 -18.03 -17.41 9.69
CA ILE A 347 -18.80 -17.89 8.54
C ILE A 347 -18.95 -16.81 7.47
N PRO A 348 -19.24 -15.55 7.82
CA PRO A 348 -19.26 -14.50 6.79
C PRO A 348 -17.96 -14.37 6.03
N PHE A 349 -16.82 -14.68 6.65
CA PHE A 349 -15.56 -14.71 5.90
C PHE A 349 -15.61 -15.77 4.81
N VAL A 350 -16.17 -16.94 5.11
CA VAL A 350 -16.30 -17.98 4.09
C VAL A 350 -17.21 -17.53 2.97
N ILE A 351 -18.32 -16.88 3.31
CA ILE A 351 -19.25 -16.40 2.28
C ILE A 351 -18.56 -15.39 1.36
N ALA A 352 -17.88 -14.40 1.97
CA ALA A 352 -17.22 -13.37 1.18
C ALA A 352 -16.08 -13.95 0.36
N MET A 353 -15.34 -14.91 0.92
CA MET A 353 -14.25 -15.53 0.18
C MET A 353 -14.77 -16.32 -1.01
N GLY A 354 -15.89 -17.02 -0.85
CA GLY A 354 -16.50 -17.69 -1.98
C GLY A 354 -16.93 -16.73 -3.07
N ILE A 355 -17.53 -15.61 -2.67
CA ILE A 355 -17.92 -14.59 -3.64
C ILE A 355 -16.69 -14.09 -4.40
N GLY A 356 -15.61 -13.79 -3.66
CA GLY A 356 -14.41 -13.28 -4.30
C GLY A 356 -13.77 -14.30 -5.22
N LEU A 357 -13.76 -15.57 -4.82
CA LEU A 357 -13.18 -16.61 -5.66
C LEU A 357 -13.99 -16.79 -6.95
N GLY A 358 -15.32 -16.76 -6.85
CA GLY A 358 -16.13 -16.83 -8.06
C GLY A 358 -15.86 -15.65 -8.99
N VAL A 359 -15.80 -14.45 -8.42
CA VAL A 359 -15.54 -13.25 -9.23
C VAL A 359 -14.18 -13.36 -9.92
N SER A 360 -13.16 -13.78 -9.17
CA SER A 360 -11.82 -13.89 -9.73
C SER A 360 -11.75 -14.95 -10.82
N SER A 361 -12.43 -16.08 -10.60
CA SER A 361 -12.45 -17.13 -11.62
C SER A 361 -13.18 -16.66 -12.88
N GLN A 362 -14.12 -15.72 -12.74
CA GLN A 362 -14.78 -15.19 -13.92
C GLN A 362 -13.88 -14.25 -14.72
N LEU A 363 -13.14 -13.39 -14.03
CA LEU A 363 -12.32 -12.37 -14.69
C LEU A 363 -10.89 -12.80 -14.95
N VAL A 364 -10.53 -14.06 -14.66
CA VAL A 364 -9.16 -14.49 -14.88
C VAL A 364 -8.89 -14.72 -16.37
N SER A 365 -9.93 -14.80 -17.20
CA SER A 365 -9.77 -14.93 -18.63
C SER A 365 -9.76 -13.58 -19.35
N ARG A 366 -9.95 -12.48 -18.62
CA ARG A 366 -9.93 -11.14 -19.19
C ARG A 366 -8.78 -10.29 -18.66
N PHE A 367 -8.57 -10.36 -17.35
CA PHE A 367 -7.59 -9.50 -16.63
C PHE A 367 -6.43 -10.37 -16.17
N SER A 368 -5.24 -9.77 -16.06
CA SER A 368 -3.97 -10.52 -15.95
C SER A 368 -3.89 -11.10 -14.56
N PRO A 369 -3.02 -12.10 -14.28
CA PRO A 369 -2.78 -12.50 -12.90
C PRO A 369 -2.27 -11.35 -12.02
N ARG A 370 -1.43 -10.46 -12.56
CA ARG A 370 -0.90 -9.32 -11.76
C ARG A 370 -2.04 -8.39 -11.33
N VAL A 371 -2.94 -8.03 -12.25
CA VAL A 371 -4.00 -7.01 -11.96
C VAL A 371 -4.93 -7.59 -10.89
N LEU A 372 -5.32 -8.84 -11.04
CA LEU A 372 -6.32 -9.47 -10.14
C LEU A 372 -5.77 -9.65 -8.72
N THR A 373 -4.51 -10.06 -8.58
CA THR A 373 -3.87 -10.23 -7.25
C THR A 373 -3.75 -8.87 -6.55
N ILE A 374 -3.34 -7.84 -7.28
CA ILE A 374 -3.17 -6.46 -6.73
C ILE A 374 -4.52 -5.86 -6.33
N GLY A 375 -5.58 -6.12 -7.07
CA GLY A 375 -6.94 -5.69 -6.72
C GLY A 375 -7.49 -6.35 -5.47
N GLY A 376 -7.34 -7.68 -5.34
CA GLY A 376 -7.70 -8.40 -4.13
C GLY A 376 -6.88 -7.98 -2.93
N GLY A 377 -5.58 -7.79 -3.14
CA GLY A 377 -4.75 -7.31 -2.05
C GLY A 377 -5.09 -5.90 -1.61
N TYR A 378 -5.52 -5.05 -2.55
CA TYR A 378 -5.98 -3.71 -2.19
C TYR A 378 -7.20 -3.77 -1.29
N LEU A 379 -8.17 -4.62 -1.65
CA LEU A 379 -9.36 -4.78 -0.81
C LEU A 379 -8.97 -5.33 0.57
N LEU A 380 -8.12 -6.34 0.59
CA LEU A 380 -7.69 -6.94 1.85
C LEU A 380 -6.94 -5.93 2.71
N PHE A 381 -6.11 -5.08 2.08
CA PHE A 381 -5.36 -4.08 2.81
C PHE A 381 -6.26 -3.01 3.39
N GLY A 382 -7.29 -2.61 2.64
CA GLY A 382 -8.26 -1.68 3.21
C GLY A 382 -8.97 -2.25 4.42
N ALA A 383 -9.42 -3.51 4.31
CA ALA A 383 -10.08 -4.15 5.45
C ALA A 383 -9.14 -4.27 6.65
N MET A 384 -7.88 -4.63 6.40
CA MET A 384 -6.91 -4.77 7.48
C MET A 384 -6.53 -3.43 8.10
N LEU A 385 -6.49 -2.36 7.31
CA LEU A 385 -6.28 -1.03 7.86
C LEU A 385 -7.43 -0.63 8.78
N TYR A 386 -8.66 -0.88 8.34
CA TYR A 386 -9.80 -0.57 9.20
C TYR A 386 -9.75 -1.39 10.49
N GLY A 387 -9.41 -2.68 10.37
CA GLY A 387 -9.29 -3.51 11.55
C GLY A 387 -8.20 -3.07 12.51
N SER A 388 -7.09 -2.57 11.96
CA SER A 388 -6.00 -2.09 12.81
C SER A 388 -6.32 -0.75 13.46
N PHE A 389 -7.15 0.06 12.81
CA PHE A 389 -7.43 1.40 13.35
C PHE A 389 -8.61 1.42 14.30
N PHE A 390 -9.68 0.68 14.02
CA PHE A 390 -10.95 0.85 14.73
C PHE A 390 -11.41 -0.48 15.31
N MET A 391 -10.54 -1.15 16.05
CA MET A 391 -10.88 -2.39 16.73
C MET A 391 -10.26 -2.37 18.13
N HIS A 392 -11.13 -2.39 19.14
CA HIS A 392 -10.70 -2.45 20.54
C HIS A 392 -11.65 -3.36 21.29
N ARG A 393 -11.37 -3.57 22.57
CA ARG A 393 -12.21 -4.44 23.39
C ARG A 393 -13.60 -3.84 23.55
N GLY A 394 -14.62 -4.65 23.32
CA GLY A 394 -15.99 -4.22 23.50
C GLY A 394 -16.67 -3.66 22.26
N VAL A 395 -15.98 -3.71 21.12
CA VAL A 395 -16.56 -3.25 19.89
C VAL A 395 -17.73 -4.14 19.55
N PRO A 396 -18.71 -3.62 18.81
CA PRO A 396 -19.81 -4.47 18.40
C PRO A 396 -19.31 -5.54 17.45
N TYR A 397 -20.22 -6.31 16.86
CA TYR A 397 -19.81 -7.30 15.88
C TYR A 397 -20.23 -6.83 14.51
N PHE A 398 -21.52 -6.60 14.33
CA PHE A 398 -22.02 -6.23 13.01
C PHE A 398 -21.21 -5.16 12.30
N PRO A 399 -20.99 -4.02 12.95
CA PRO A 399 -20.30 -2.97 12.20
C PRO A 399 -18.80 -3.05 12.26
N ASN A 400 -18.23 -3.46 13.39
CA ASN A 400 -16.77 -3.43 13.53
C ASN A 400 -16.03 -4.71 13.16
N LEU A 401 -16.66 -5.86 13.28
CA LEU A 401 -15.96 -7.11 13.01
C LEU A 401 -16.39 -7.77 11.71
N VAL A 402 -17.67 -7.69 11.37
CA VAL A 402 -18.15 -8.38 10.18
C VAL A 402 -17.66 -7.71 8.92
N MET A 403 -17.66 -6.39 8.88
CA MET A 403 -17.27 -5.69 7.66
C MET A 403 -15.80 -5.84 7.30
N PRO A 404 -14.89 -5.62 8.25
CA PRO A 404 -13.49 -5.84 7.91
C PRO A 404 -13.20 -7.27 7.49
N ILE A 405 -13.99 -8.22 7.95
CA ILE A 405 -13.77 -9.62 7.63
C ILE A 405 -14.32 -9.93 6.26
N VAL A 406 -15.46 -9.34 5.93
CA VAL A 406 -16.07 -9.59 4.64
C VAL A 406 -15.25 -8.97 3.52
N VAL A 407 -14.77 -7.75 3.71
CA VAL A 407 -13.93 -7.12 2.70
C VAL A 407 -12.62 -7.89 2.52
N GLY A 408 -12.01 -8.31 3.63
CA GLY A 408 -10.80 -9.10 3.54
C GLY A 408 -11.02 -10.44 2.86
N GLY A 409 -12.16 -11.07 3.15
CA GLY A 409 -12.48 -12.33 2.49
C GLY A 409 -12.67 -12.17 1.00
N ILE A 410 -13.35 -11.10 0.59
CA ILE A 410 -13.52 -10.83 -0.84
C ILE A 410 -12.17 -10.61 -1.50
N GLY A 411 -11.30 -9.82 -0.85
CA GLY A 411 -9.98 -9.57 -1.41
C GLY A 411 -9.14 -10.83 -1.52
N ILE A 412 -9.15 -11.67 -0.48
CA ILE A 412 -8.38 -12.90 -0.49
C ILE A 412 -8.90 -13.85 -1.56
N GLY A 413 -10.23 -13.94 -1.70
CA GLY A 413 -10.78 -14.78 -2.74
C GLY A 413 -10.46 -14.28 -4.14
N MET A 414 -10.40 -12.95 -4.30
CA MET A 414 -10.04 -12.39 -5.60
C MET A 414 -8.56 -12.63 -5.90
N ALA A 415 -7.71 -12.61 -4.88
CA ALA A 415 -6.28 -12.77 -5.11
C ALA A 415 -5.83 -14.22 -5.21
N VAL A 416 -6.59 -15.16 -4.65
CA VAL A 416 -6.14 -16.55 -4.62
C VAL A 416 -6.17 -17.17 -6.01
N VAL A 417 -7.29 -16.99 -6.73
CA VAL A 417 -7.47 -17.71 -7.99
C VAL A 417 -6.37 -17.43 -9.00
N PRO A 418 -6.01 -16.19 -9.31
CA PRO A 418 -4.92 -15.98 -10.28
C PRO A 418 -3.59 -16.56 -9.83
N LEU A 419 -3.28 -16.55 -8.53
CA LEU A 419 -2.01 -17.07 -8.05
C LEU A 419 -1.89 -18.57 -8.30
N THR A 420 -2.83 -19.34 -7.75
CA THR A 420 -2.78 -20.79 -7.93
C THR A 420 -3.13 -21.20 -9.36
N LEU A 421 -3.69 -20.29 -10.16
CA LEU A 421 -3.87 -20.58 -11.58
C LEU A 421 -2.57 -20.41 -12.35
N SER A 422 -1.77 -19.41 -11.96
CA SER A 422 -0.46 -19.23 -12.57
C SER A 422 0.54 -20.26 -12.08
N ALA A 423 0.34 -20.83 -10.88
CA ALA A 423 1.23 -21.88 -10.40
C ALA A 423 1.17 -23.10 -11.30
N ILE A 424 -0.04 -23.55 -11.64
CA ILE A 424 -0.23 -24.72 -12.49
C ILE A 424 -0.46 -24.20 -13.91
N ALA A 425 0.63 -23.99 -14.64
CA ALA A 425 0.53 -23.44 -15.98
C ALA A 425 1.81 -23.75 -16.75
N GLY A 426 1.64 -24.13 -18.02
CA GLY A 426 2.77 -24.38 -18.90
C GLY A 426 3.65 -25.54 -18.48
N VAL A 427 3.03 -26.65 -18.10
CA VAL A 427 3.77 -27.83 -17.64
C VAL A 427 3.07 -29.07 -18.19
N GLY A 428 3.86 -30.10 -18.46
CA GLY A 428 3.31 -31.34 -18.97
C GLY A 428 2.56 -32.12 -17.90
N PHE A 429 1.75 -33.09 -18.36
CA PHE A 429 0.94 -33.86 -17.43
C PHE A 429 1.79 -34.84 -16.62
N ASP A 430 2.92 -35.29 -17.18
CA ASP A 430 3.85 -36.13 -16.46
C ASP A 430 4.78 -35.32 -15.56
N GLN A 431 4.54 -34.02 -15.42
CA GLN A 431 5.43 -33.12 -14.72
C GLN A 431 4.69 -32.08 -13.87
N ILE A 432 3.36 -32.03 -13.94
CA ILE A 432 2.57 -31.08 -13.17
C ILE A 432 2.62 -31.42 -11.68
N GLY A 433 2.75 -32.70 -11.35
CA GLY A 433 2.71 -33.16 -9.98
C GLY A 433 3.72 -32.50 -9.07
N PRO A 434 5.00 -32.52 -9.47
CA PRO A 434 6.02 -31.79 -8.68
C PRO A 434 5.71 -30.32 -8.52
N VAL A 435 5.21 -29.66 -9.56
CA VAL A 435 4.91 -28.24 -9.46
C VAL A 435 3.81 -27.99 -8.44
N SER A 436 2.75 -28.80 -8.49
CA SER A 436 1.66 -28.67 -7.51
C SER A 436 2.16 -28.93 -6.10
N ALA A 437 2.98 -29.97 -5.93
CA ALA A 437 3.50 -30.28 -4.61
C ALA A 437 4.36 -29.15 -4.06
N ILE A 438 5.21 -28.57 -4.91
CA ILE A 438 6.06 -27.47 -4.47
C ILE A 438 5.22 -26.25 -4.12
N ALA A 439 4.20 -25.95 -4.93
CA ALA A 439 3.34 -24.81 -4.65
C ALA A 439 2.62 -24.97 -3.32
N LEU A 440 2.05 -26.16 -3.08
CA LEU A 440 1.34 -26.39 -1.82
C LEU A 440 2.30 -26.37 -0.64
N MET A 441 3.50 -26.93 -0.80
CA MET A 441 4.48 -26.91 0.28
C MET A 441 4.91 -25.50 0.61
N LEU A 442 5.11 -24.66 -0.41
CA LEU A 442 5.47 -23.26 -0.16
C LEU A 442 4.33 -22.53 0.54
N GLN A 443 3.09 -22.78 0.12
CA GLN A 443 1.95 -22.12 0.75
C GLN A 443 1.83 -22.51 2.22
N SER A 444 2.05 -23.79 2.53
CA SER A 444 1.99 -24.22 3.93
C SER A 444 3.21 -23.79 4.73
N LEU A 445 4.36 -23.63 4.06
CA LEU A 445 5.60 -23.27 4.75
C LEU A 445 5.63 -21.79 5.11
N GLY A 446 5.10 -20.93 4.24
CA GLY A 446 5.16 -19.50 4.51
C GLY A 446 4.38 -19.10 5.75
N GLY A 447 3.36 -19.87 6.11
CA GLY A 447 2.47 -19.54 7.20
C GLY A 447 3.16 -19.33 8.54
N PRO A 448 3.71 -20.41 9.11
CA PRO A 448 4.37 -20.29 10.42
C PRO A 448 5.54 -19.31 10.41
N LEU A 449 6.22 -19.15 9.28
CA LEU A 449 7.36 -18.23 9.21
C LEU A 449 6.93 -16.81 9.52
N VAL A 450 5.88 -16.33 8.85
CA VAL A 450 5.39 -14.97 9.11
C VAL A 450 4.65 -14.92 10.45
N LEU A 451 3.98 -16.01 10.83
CA LEU A 451 3.23 -16.01 12.07
C LEU A 451 4.15 -15.85 13.28
N ALA A 452 5.33 -16.46 13.22
CA ALA A 452 6.29 -16.30 14.31
C ALA A 452 6.69 -14.84 14.49
N VAL A 453 6.98 -14.14 13.39
CA VAL A 453 7.35 -12.73 13.47
C VAL A 453 6.19 -11.91 14.00
N ILE A 454 4.98 -12.16 13.52
CA ILE A 454 3.83 -11.37 13.96
C ILE A 454 3.57 -11.58 15.44
N GLN A 455 3.65 -12.84 15.91
CA GLN A 455 3.41 -13.13 17.31
C GLN A 455 4.51 -12.55 18.19
N ALA A 456 5.76 -12.58 17.73
CA ALA A 456 6.85 -11.95 18.47
C ALA A 456 6.61 -10.44 18.60
N VAL A 457 6.18 -9.80 17.52
CA VAL A 457 5.89 -8.36 17.57
C VAL A 457 4.75 -8.08 18.54
N ILE A 458 3.70 -8.91 18.50
CA ILE A 458 2.55 -8.71 19.38
C ILE A 458 2.96 -8.86 20.83
N THR A 459 3.75 -9.90 21.16
CA THR A 459 4.18 -10.09 22.53
C THR A 459 5.09 -8.96 22.99
N SER A 460 5.99 -8.48 22.11
CA SER A 460 6.84 -7.36 22.46
C SER A 460 6.02 -6.11 22.76
N ARG A 461 5.01 -5.84 21.94
CA ARG A 461 4.16 -4.67 22.17
C ARG A 461 3.38 -4.82 23.47
N THR A 462 2.90 -6.04 23.75
CA THR A 462 2.18 -6.28 25.00
C THR A 462 3.08 -6.01 26.21
N LEU A 463 4.31 -6.52 26.17
CA LEU A 463 5.22 -6.30 27.29
C LEU A 463 5.61 -4.83 27.41
N TYR A 464 5.74 -4.12 26.29
CA TYR A 464 6.13 -2.72 26.37
C TYR A 464 4.98 -1.84 26.83
N LEU A 465 3.73 -2.22 26.55
CA LEU A 465 2.59 -1.49 27.07
C LEU A 465 2.30 -1.79 28.54
N GLY A 466 2.91 -2.81 29.11
CA GLY A 466 2.70 -3.15 30.50
C GLY A 466 1.73 -4.28 30.72
N GLY A 467 1.75 -5.27 29.82
CA GLY A 467 0.90 -6.44 29.92
C GLY A 467 1.71 -7.68 30.26
N THR A 468 1.22 -8.44 31.22
CA THR A 468 1.91 -9.65 31.65
C THR A 468 1.79 -10.75 30.60
N THR A 469 2.62 -11.77 30.75
CA THR A 469 2.64 -12.91 29.83
C THR A 469 2.01 -14.11 30.51
N GLY A 470 1.13 -14.81 29.78
CA GLY A 470 0.48 -16.00 30.30
C GLY A 470 -0.95 -16.10 29.82
N PRO A 471 -1.72 -16.98 30.46
CA PRO A 471 -3.14 -17.12 30.11
C PRO A 471 -3.88 -15.80 30.33
N VAL A 472 -4.84 -15.53 29.43
CA VAL A 472 -5.57 -14.28 29.47
C VAL A 472 -6.49 -14.16 30.67
N LYS A 473 -6.79 -15.27 31.35
CA LYS A 473 -7.68 -15.21 32.51
C LYS A 473 -7.02 -14.59 33.73
N PHE A 474 -5.70 -14.69 33.84
CA PHE A 474 -5.01 -14.16 35.01
C PHE A 474 -4.92 -12.63 34.96
N MET A 475 -4.62 -12.07 33.79
CA MET A 475 -4.47 -10.63 33.67
C MET A 475 -5.82 -9.93 33.79
N ASN A 476 -5.81 -8.76 34.43
CA ASN A 476 -7.02 -8.00 34.66
C ASN A 476 -7.23 -7.00 33.51
N ASP A 477 -8.14 -6.03 33.72
CA ASP A 477 -8.53 -5.13 32.64
C ASP A 477 -7.38 -4.24 32.18
N VAL A 478 -6.53 -3.78 33.09
CA VAL A 478 -5.44 -2.89 32.70
C VAL A 478 -4.45 -3.63 31.79
N GLN A 479 -4.38 -4.95 31.89
CA GLN A 479 -3.50 -5.75 31.06
C GLN A 479 -4.22 -6.33 29.85
N LEU A 480 -5.50 -6.03 29.67
CA LEU A 480 -6.25 -6.53 28.52
C LEU A 480 -6.33 -5.54 27.37
N ALA A 481 -6.29 -4.23 27.65
CA ALA A 481 -6.22 -3.26 26.58
C ALA A 481 -4.84 -3.26 25.91
N ALA A 482 -3.80 -3.56 26.68
CA ALA A 482 -2.46 -3.66 26.10
C ALA A 482 -2.41 -4.78 25.07
N LEU A 483 -3.05 -5.91 25.36
CA LEU A 483 -3.11 -7.01 24.39
C LEU A 483 -3.85 -6.58 23.13
N ASP A 484 -4.93 -5.82 23.28
CA ASP A 484 -5.67 -5.36 22.11
C ASP A 484 -4.83 -4.43 21.25
N HIS A 485 -4.12 -3.48 21.87
CA HIS A 485 -3.28 -2.58 21.10
C HIS A 485 -2.13 -3.33 20.43
N ALA A 486 -1.59 -4.34 21.12
CA ALA A 486 -0.55 -5.17 20.50
C ALA A 486 -1.10 -5.93 19.31
N TYR A 487 -2.33 -6.43 19.40
CA TYR A 487 -2.92 -7.13 18.27
C TYR A 487 -3.15 -6.20 17.09
N THR A 488 -3.56 -4.96 17.35
CA THR A 488 -3.70 -3.98 16.27
C THR A 488 -2.34 -3.69 15.63
N TYR A 489 -1.29 -3.58 16.44
CA TYR A 489 0.05 -3.39 15.88
C TYR A 489 0.47 -4.58 15.03
N GLY A 490 0.15 -5.79 15.47
CA GLY A 490 0.43 -6.96 14.66
C GLY A 490 -0.33 -6.94 13.34
N LEU A 491 -1.57 -6.45 13.37
CA LEU A 491 -2.32 -6.30 12.12
C LEU A 491 -1.66 -5.30 11.19
N LEU A 492 -1.10 -4.22 11.75
CA LEU A 492 -0.34 -3.28 10.93
C LEU A 492 0.89 -3.96 10.30
N TRP A 493 1.56 -4.81 11.06
CA TRP A 493 2.71 -5.54 10.51
C TRP A 493 2.28 -6.48 9.39
N VAL A 494 1.13 -7.14 9.57
CA VAL A 494 0.59 -7.99 8.50
C VAL A 494 0.25 -7.14 7.28
N ALA A 495 -0.19 -5.91 7.50
CA ALA A 495 -0.46 -5.00 6.38
C ALA A 495 0.81 -4.69 5.60
N GLY A 496 1.91 -4.43 6.32
CA GLY A 496 3.18 -4.26 5.65
C GLY A 496 3.60 -5.50 4.87
N ALA A 497 3.38 -6.68 5.45
CA ALA A 497 3.70 -7.91 4.74
C ALA A 497 2.87 -8.05 3.47
N ALA A 498 1.59 -7.67 3.52
CA ALA A 498 0.75 -7.73 2.33
C ALA A 498 1.20 -6.75 1.28
N ILE A 499 1.68 -5.57 1.69
CA ILE A 499 2.26 -4.63 0.74
C ILE A 499 3.46 -5.24 0.04
N ILE A 500 4.30 -5.95 0.81
CA ILE A 500 5.43 -6.65 0.20
C ILE A 500 4.96 -7.70 -0.79
N VAL A 501 3.90 -8.44 -0.44
CA VAL A 501 3.36 -9.47 -1.33
C VAL A 501 2.92 -8.83 -2.64
N GLY A 502 2.24 -7.69 -2.56
CA GLY A 502 1.78 -7.03 -3.77
C GLY A 502 2.90 -6.47 -4.62
N GLY A 503 3.90 -5.86 -3.98
CA GLY A 503 5.05 -5.40 -4.72
C GLY A 503 5.77 -6.53 -5.43
N MET A 504 5.77 -7.72 -4.82
CA MET A 504 6.39 -8.87 -5.46
C MET A 504 5.52 -9.42 -6.60
N ALA A 505 4.20 -9.40 -6.41
CA ALA A 505 3.28 -9.89 -7.42
C ALA A 505 3.13 -8.94 -8.60
N LEU A 506 3.60 -7.70 -8.47
CA LEU A 506 3.62 -6.79 -9.62
C LEU A 506 4.43 -7.33 -10.79
N PHE A 507 5.35 -8.27 -10.55
CA PHE A 507 6.26 -8.76 -11.57
C PHE A 507 5.79 -10.03 -12.24
N ILE A 508 4.58 -10.52 -11.93
CA ILE A 508 4.06 -11.71 -12.59
C ILE A 508 3.73 -11.37 -14.03
N GLY A 509 4.58 -11.81 -14.95
CA GLY A 509 4.42 -11.51 -16.36
C GLY A 509 3.42 -12.36 -17.10
N TYR A 510 2.71 -13.24 -16.40
CA TYR A 510 1.74 -14.12 -17.04
C TYR A 510 0.57 -13.30 -17.59
N THR A 511 0.08 -13.70 -18.76
CA THR A 511 -1.05 -13.08 -19.42
C THR A 511 -2.22 -14.06 -19.48
N PRO A 512 -3.48 -13.56 -19.45
CA PRO A 512 -4.63 -14.47 -19.44
C PRO A 512 -4.74 -15.38 -20.65
N GLN A 513 -3.95 -15.13 -21.71
CA GLN A 513 -3.98 -16.02 -22.86
C GLN A 513 -3.43 -17.40 -22.50
N GLN A 514 -2.48 -17.46 -21.57
CA GLN A 514 -1.84 -18.71 -21.18
C GLN A 514 -2.21 -19.15 -19.76
N VAL A 515 -3.37 -18.71 -19.26
CA VAL A 515 -3.82 -19.14 -17.95
C VAL A 515 -5.22 -19.76 -18.08
N ALA A 516 -6.12 -19.06 -18.77
CA ALA A 516 -7.51 -19.49 -18.87
C ALA A 516 -8.06 -19.29 -20.27
N HIS A 517 -7.32 -19.69 -21.30
CA HIS A 517 -7.79 -19.54 -22.67
C HIS A 517 -7.61 -20.83 -23.48
N ALA A 518 -7.58 -21.97 -22.81
CA ALA A 518 -7.60 -23.28 -23.47
C ALA A 518 -6.58 -23.40 -24.59
N GLN A 519 -7.03 -23.82 -25.77
CA GLN A 519 -6.14 -23.96 -26.92
C GLN A 519 -6.21 -22.72 -27.80
N TRP B 45 -23.79 26.53 8.09
CA TRP B 45 -24.49 26.91 6.87
C TRP B 45 -24.38 28.42 6.61
N LEU B 46 -23.68 28.78 5.54
CA LEU B 46 -23.46 30.17 5.15
C LEU B 46 -22.90 30.96 6.32
N PRO B 47 -21.61 30.79 6.64
CA PRO B 47 -21.04 31.53 7.79
C PRO B 47 -21.00 33.03 7.56
N SER B 48 -20.47 33.77 8.52
CA SER B 48 -20.41 35.22 8.43
C SER B 48 -19.61 35.65 7.20
N ARG B 49 -20.05 36.73 6.56
CA ARG B 49 -19.38 37.22 5.36
C ARG B 49 -17.93 37.60 5.66
N SER B 50 -17.67 38.12 6.87
CA SER B 50 -16.31 38.47 7.23
C SER B 50 -15.40 37.25 7.22
N PHE B 51 -15.89 36.11 7.74
CA PHE B 51 -15.08 34.91 7.76
C PHE B 51 -14.79 34.40 6.35
N ILE B 52 -15.79 34.41 5.48
CA ILE B 52 -15.60 33.94 4.11
C ILE B 52 -14.61 34.85 3.38
N ALA B 53 -14.76 36.17 3.53
CA ALA B 53 -13.83 37.09 2.92
C ALA B 53 -12.41 36.89 3.45
N ALA B 54 -12.28 36.64 4.74
CA ALA B 54 -10.96 36.42 5.33
C ALA B 54 -10.30 35.18 4.76
N VAL B 55 -11.02 34.06 4.72
CA VAL B 55 -10.43 32.82 4.24
C VAL B 55 -10.09 32.91 2.76
N ILE B 56 -10.96 33.58 1.97
CA ILE B 56 -10.69 33.73 0.55
C ILE B 56 -9.47 34.62 0.34
N ALA B 57 -9.36 35.71 1.10
CA ALA B 57 -8.19 36.57 0.99
C ALA B 57 -6.91 35.84 1.34
N ILE B 58 -6.97 34.98 2.37
CA ILE B 58 -5.77 34.23 2.76
C ILE B 58 -5.38 33.25 1.67
N GLY B 59 -6.34 32.51 1.10
CA GLY B 59 -5.98 31.58 0.05
C GLY B 59 -5.72 32.18 -1.32
N GLY B 60 -6.00 33.48 -1.46
CA GLY B 60 -5.79 34.13 -2.74
C GLY B 60 -4.35 34.11 -3.21
N MET B 61 -3.39 34.17 -2.29
CA MET B 61 -2.00 34.15 -2.71
C MET B 61 -1.64 32.80 -3.33
N GLN B 62 -2.08 31.71 -2.70
CA GLN B 62 -1.85 30.39 -3.29
C GLN B 62 -2.54 30.27 -4.64
N LEU B 63 -3.78 30.74 -4.73
CA LEU B 63 -4.48 30.69 -6.01
C LEU B 63 -3.71 31.43 -7.09
N LEU B 64 -3.25 32.65 -6.78
CA LEU B 64 -2.51 33.45 -7.76
C LEU B 64 -1.21 32.78 -8.16
N ALA B 65 -0.48 32.22 -7.18
CA ALA B 65 0.82 31.62 -7.48
C ALA B 65 0.66 30.42 -8.42
N THR B 66 -0.23 29.49 -8.08
CA THR B 66 -0.39 28.32 -8.95
C THR B 66 -1.00 28.70 -10.29
N MET B 67 -1.92 29.68 -10.31
CA MET B 67 -2.50 30.14 -11.56
C MET B 67 -1.42 30.68 -12.49
N ASP B 68 -0.55 31.55 -11.96
CA ASP B 68 0.51 32.13 -12.78
C ASP B 68 1.49 31.06 -13.25
N SER B 69 1.84 30.12 -12.38
CA SER B 69 2.77 29.06 -12.79
C SER B 69 2.19 28.24 -13.94
N THR B 70 0.93 27.81 -13.80
CA THR B 70 0.31 27.02 -14.86
C THR B 70 0.17 27.82 -16.15
N VAL B 71 -0.18 29.12 -16.04
CA VAL B 71 -0.34 29.94 -17.22
C VAL B 71 0.98 30.10 -17.96
N ALA B 72 2.07 30.34 -17.21
CA ALA B 72 3.38 30.45 -17.84
C ALA B 72 3.80 29.15 -18.51
N ILE B 73 3.56 28.02 -17.84
CA ILE B 73 3.90 26.73 -18.44
C ILE B 73 3.13 26.52 -19.73
N VAL B 74 1.85 26.90 -19.74
CA VAL B 74 1.03 26.73 -20.94
C VAL B 74 1.52 27.64 -22.06
N ALA B 75 1.86 28.89 -21.73
CA ALA B 75 1.99 29.95 -22.76
C ALA B 75 3.44 30.05 -23.23
N LEU B 76 4.35 29.27 -22.64
CA LEU B 76 5.82 29.41 -22.85
C LEU B 76 6.24 29.15 -24.31
N PRO B 77 5.72 28.13 -25.05
CA PRO B 77 6.04 27.99 -26.46
C PRO B 77 5.62 29.21 -27.29
N LYS B 78 4.47 29.79 -26.97
CA LYS B 78 4.00 31.04 -27.64
C LYS B 78 4.97 32.17 -27.31
N ILE B 79 5.34 32.34 -26.04
CA ILE B 79 6.34 33.32 -25.66
C ILE B 79 7.62 33.11 -26.45
N GLN B 80 8.05 31.85 -26.57
CA GLN B 80 9.25 31.56 -27.35
C GLN B 80 9.06 31.91 -28.82
N ASN B 81 7.88 31.63 -29.37
CA ASN B 81 7.64 31.91 -30.78
C ASN B 81 7.60 33.40 -31.07
N GLU B 82 7.01 34.19 -30.18
CA GLU B 82 6.85 35.61 -30.45
C GLU B 82 8.13 36.39 -30.17
N LEU B 83 8.68 36.26 -28.97
CA LEU B 83 9.87 36.99 -28.59
C LEU B 83 11.15 36.41 -29.19
N SER B 84 11.05 35.28 -29.90
CA SER B 84 12.19 34.62 -30.52
C SER B 84 13.27 34.30 -29.50
N LEU B 85 12.85 33.69 -28.40
CA LEU B 85 13.76 33.30 -27.33
C LEU B 85 14.34 31.91 -27.60
N SER B 86 15.60 31.74 -27.20
CA SER B 86 16.26 30.45 -27.33
C SER B 86 15.84 29.55 -26.15
N ASP B 87 16.52 28.41 -26.00
CA ASP B 87 16.24 27.54 -24.87
C ASP B 87 16.64 28.20 -23.55
N ALA B 88 17.67 29.05 -23.58
CA ALA B 88 18.08 29.76 -22.37
C ALA B 88 16.95 30.62 -21.84
N GLY B 89 16.36 31.46 -22.69
CA GLY B 89 15.21 32.26 -22.27
C GLY B 89 14.00 31.41 -21.94
N ARG B 90 13.82 30.31 -22.66
CA ARG B 90 12.72 29.39 -22.36
C ARG B 90 12.79 28.89 -20.93
N SER B 91 13.96 28.43 -20.50
CA SER B 91 14.13 28.02 -19.11
C SER B 91 14.07 29.21 -18.16
N TRP B 92 14.60 30.36 -18.58
CA TRP B 92 14.65 31.53 -17.72
C TRP B 92 13.25 32.02 -17.34
N VAL B 93 12.29 31.88 -18.25
CA VAL B 93 10.94 32.39 -17.99
C VAL B 93 10.38 31.80 -16.70
N ILE B 94 10.69 30.54 -16.41
CA ILE B 94 10.22 29.92 -15.17
C ILE B 94 11.27 30.00 -14.07
N THR B 95 12.56 29.92 -14.43
CA THR B 95 13.60 29.94 -13.42
C THR B 95 13.64 31.26 -12.68
N ALA B 96 13.37 32.37 -13.38
CA ALA B 96 13.39 33.68 -12.73
C ALA B 96 12.33 33.78 -11.65
N TYR B 97 11.14 33.24 -11.90
CA TYR B 97 10.09 33.25 -10.89
C TYR B 97 10.43 32.30 -9.74
N VAL B 98 10.87 31.08 -10.08
CA VAL B 98 11.10 30.07 -9.05
C VAL B 98 12.24 30.48 -8.13
N LEU B 99 13.27 31.14 -8.69
CA LEU B 99 14.41 31.58 -7.89
C LEU B 99 13.97 32.49 -6.75
N THR B 100 13.24 33.55 -7.08
CA THR B 100 12.82 34.51 -6.06
C THR B 100 11.64 34.02 -5.24
N PHE B 101 10.91 33.01 -5.73
CA PHE B 101 9.87 32.41 -4.89
C PHE B 101 10.46 31.53 -3.81
N GLY B 102 11.52 30.77 -4.14
CA GLY B 102 12.13 29.88 -3.18
C GLY B 102 13.15 30.56 -2.28
N GLY B 103 13.82 31.58 -2.80
CA GLY B 103 14.86 32.24 -2.01
C GLY B 103 14.30 33.04 -0.85
N LEU B 104 13.27 33.84 -1.11
CA LEU B 104 12.75 34.77 -0.12
C LEU B 104 11.56 34.21 0.66
N MET B 105 11.19 32.95 0.43
CA MET B 105 10.02 32.41 1.11
C MET B 105 10.25 32.27 2.61
N LEU B 106 11.46 31.87 3.02
CA LEU B 106 11.76 31.76 4.43
C LEU B 106 11.84 33.13 5.10
N LEU B 107 12.00 34.20 4.33
CA LEU B 107 12.05 35.55 4.90
C LEU B 107 10.67 36.07 5.25
N GLY B 108 9.64 35.71 4.47
CA GLY B 108 8.31 36.25 4.69
C GLY B 108 7.71 35.89 6.03
N GLY B 109 8.04 34.70 6.54
CA GLY B 109 7.51 34.30 7.84
C GLY B 109 7.91 35.24 8.96
N ARG B 110 9.17 35.63 8.99
CA ARG B 110 9.63 36.61 9.97
C ARG B 110 9.27 38.03 9.57
N LEU B 111 9.10 38.28 8.27
CA LEU B 111 8.71 39.61 7.81
C LEU B 111 7.32 39.98 8.32
N GLY B 112 6.39 39.03 8.26
CA GLY B 112 5.05 39.28 8.78
C GLY B 112 5.04 39.50 10.28
N ASP B 113 6.08 39.05 10.97
CA ASP B 113 6.16 39.28 12.41
C ASP B 113 6.84 40.61 12.73
N THR B 114 7.81 41.03 11.91
CA THR B 114 8.52 42.27 12.21
C THR B 114 7.76 43.50 11.73
N ILE B 115 6.97 43.41 10.67
CA ILE B 115 6.20 44.53 10.17
C ILE B 115 4.70 44.35 10.43
N GLY B 116 4.17 43.16 10.21
CA GLY B 116 2.75 42.93 10.37
C GLY B 116 2.23 41.95 9.34
N ARG B 117 1.46 40.96 9.79
CA ARG B 117 1.03 39.90 8.88
C ARG B 117 0.10 40.44 7.79
N LYS B 118 -0.89 41.25 8.17
CA LYS B 118 -1.77 41.84 7.17
C LYS B 118 -1.01 42.78 6.25
N ARG B 119 -0.11 43.58 6.80
CA ARG B 119 0.66 44.52 6.00
C ARG B 119 1.57 43.78 5.02
N THR B 120 2.25 42.73 5.49
CA THR B 120 3.13 41.96 4.61
C THR B 120 2.34 41.24 3.53
N PHE B 121 1.15 40.71 3.87
CA PHE B 121 0.32 40.07 2.87
C PHE B 121 -0.12 41.07 1.81
N ILE B 122 -0.53 42.27 2.23
CA ILE B 122 -0.93 43.30 1.27
C ILE B 122 0.23 43.66 0.36
N VAL B 123 1.41 43.86 0.95
CA VAL B 123 2.58 44.24 0.16
C VAL B 123 2.92 43.15 -0.84
N GLY B 124 2.90 41.89 -0.41
CA GLY B 124 3.26 40.80 -1.29
C GLY B 124 2.29 40.65 -2.46
N VAL B 125 0.99 40.70 -2.17
CA VAL B 125 0.02 40.54 -3.24
C VAL B 125 0.04 41.73 -4.19
N ALA B 126 0.26 42.94 -3.66
CA ALA B 126 0.36 44.11 -4.52
C ALA B 126 1.60 44.02 -5.41
N LEU B 127 2.71 43.55 -4.86
CA LEU B 127 3.91 43.37 -5.67
C LEU B 127 3.68 42.34 -6.76
N PHE B 128 3.01 41.23 -6.42
CA PHE B 128 2.71 40.21 -7.42
C PHE B 128 1.83 40.77 -8.53
N THR B 129 0.82 41.57 -8.17
CA THR B 129 -0.08 42.13 -9.18
C THR B 129 0.64 43.11 -10.09
N ILE B 130 1.42 44.02 -9.51
CA ILE B 130 2.17 44.99 -10.32
C ILE B 130 3.19 44.25 -11.20
N SER B 131 3.78 43.18 -10.67
CA SER B 131 4.75 42.42 -11.44
C SER B 131 4.10 41.72 -12.61
N SER B 132 2.90 41.18 -12.42
CA SER B 132 2.16 40.59 -13.55
C SER B 132 1.80 41.66 -14.57
N VAL B 133 1.42 42.86 -14.10
CA VAL B 133 1.12 43.95 -15.02
C VAL B 133 2.33 44.27 -15.89
N LEU B 134 3.51 44.38 -15.26
CA LEU B 134 4.71 44.70 -16.02
C LEU B 134 5.19 43.53 -16.86
N CYS B 135 4.83 42.30 -16.47
CA CYS B 135 5.17 41.12 -17.26
C CYS B 135 4.37 41.07 -18.55
N ALA B 136 3.09 41.43 -18.48
CA ALA B 136 2.25 41.38 -19.67
C ALA B 136 2.54 42.52 -20.65
N VAL B 137 3.58 43.33 -20.46
CA VAL B 137 3.92 44.39 -21.40
C VAL B 137 5.40 44.30 -21.75
N ALA B 138 6.02 43.15 -21.46
CA ALA B 138 7.43 42.97 -21.72
C ALA B 138 7.71 42.99 -23.22
N TRP B 139 8.84 43.58 -23.59
CA TRP B 139 9.23 43.71 -25.00
C TRP B 139 10.50 42.94 -25.36
N ASP B 140 11.21 42.39 -24.38
CA ASP B 140 12.42 41.62 -24.66
C ASP B 140 12.58 40.57 -23.57
N GLU B 141 13.72 39.89 -23.57
CA GLU B 141 13.96 38.83 -22.60
C GLU B 141 14.28 39.39 -21.22
N ALA B 142 15.04 40.48 -21.16
CA ALA B 142 15.43 41.05 -19.88
C ALA B 142 14.23 41.53 -19.08
N THR B 143 13.28 42.20 -19.76
CA THR B 143 12.10 42.69 -19.08
C THR B 143 11.26 41.53 -18.54
N LEU B 144 11.10 40.47 -19.33
CA LEU B 144 10.36 39.31 -18.88
C LEU B 144 11.03 38.65 -17.68
N VAL B 145 12.36 38.54 -17.71
CA VAL B 145 13.08 37.93 -16.59
C VAL B 145 12.93 38.77 -15.34
N ILE B 146 13.05 40.10 -15.48
CA ILE B 146 12.88 40.98 -14.32
C ILE B 146 11.47 40.86 -13.75
N ALA B 147 10.46 40.81 -14.64
CA ALA B 147 9.09 40.68 -14.18
C ALA B 147 8.86 39.37 -13.45
N ARG B 148 9.41 38.27 -13.97
CA ARG B 148 9.26 36.99 -13.30
C ARG B 148 9.97 36.98 -11.95
N LEU B 149 11.15 37.60 -11.87
CA LEU B 149 11.86 37.68 -10.61
C LEU B 149 11.05 38.47 -9.58
N SER B 150 10.45 39.59 -9.99
CA SER B 150 9.68 40.39 -9.05
C SER B 150 8.38 39.68 -8.66
N GLN B 151 7.78 38.93 -9.59
CA GLN B 151 6.64 38.10 -9.25
C GLN B 151 7.01 37.07 -8.19
N GLY B 152 8.18 36.42 -8.35
CA GLY B 152 8.64 35.48 -7.36
C GLY B 152 8.89 36.14 -6.01
N VAL B 153 9.44 37.35 -6.02
CA VAL B 153 9.64 38.09 -4.78
C VAL B 153 8.30 38.31 -4.07
N GLY B 154 7.31 38.80 -4.82
CA GLY B 154 6.00 39.03 -4.21
C GLY B 154 5.37 37.76 -3.68
N SER B 155 5.46 36.67 -4.45
CA SER B 155 4.87 35.41 -4.02
C SER B 155 5.56 34.89 -2.75
N ALA B 156 6.89 34.98 -2.70
CA ALA B 156 7.62 34.52 -1.53
C ALA B 156 7.32 35.39 -0.31
N ILE B 157 7.04 36.68 -0.53
CA ILE B 157 6.68 37.54 0.58
C ILE B 157 5.28 37.20 1.09
N ALA B 158 4.35 36.89 0.20
CA ALA B 158 2.94 36.85 0.56
C ALA B 158 2.39 35.46 0.87
N SER B 159 3.03 34.38 0.41
CA SER B 159 2.42 33.07 0.63
C SER B 159 2.66 32.50 2.02
N PRO B 160 3.88 32.49 2.56
CA PRO B 160 4.05 32.04 3.95
C PRO B 160 3.30 32.94 4.92
N THR B 161 3.14 34.22 4.58
CA THR B 161 2.31 35.10 5.39
C THR B 161 0.87 34.61 5.43
N GLY B 162 0.35 34.13 4.31
CA GLY B 162 -1.00 33.57 4.31
C GLY B 162 -1.09 32.29 5.12
N LEU B 163 -0.08 31.41 4.98
CA LEU B 163 -0.09 30.18 5.77
C LEU B 163 -0.05 30.48 7.27
N ALA B 164 0.71 31.51 7.66
CA ALA B 164 0.73 31.90 9.06
C ALA B 164 -0.58 32.56 9.48
N LEU B 165 -1.20 33.32 8.57
CA LEU B 165 -2.46 33.98 8.88
C LEU B 165 -3.58 32.97 9.10
N VAL B 166 -3.52 31.82 8.42
CA VAL B 166 -4.52 30.78 8.64
C VAL B 166 -4.58 30.40 10.12
N ALA B 167 -3.41 30.22 10.74
CA ALA B 167 -3.36 29.87 12.16
C ALA B 167 -3.50 31.08 13.07
N THR B 168 -3.13 32.28 12.61
CA THR B 168 -3.14 33.44 13.48
C THR B 168 -4.54 34.04 13.61
N THR B 169 -5.21 34.30 12.49
CA THR B 169 -6.47 35.03 12.52
C THR B 169 -7.64 34.17 13.00
N PHE B 170 -7.47 32.85 13.12
CA PHE B 170 -8.54 31.98 13.58
C PHE B 170 -8.03 31.13 14.74
N PRO B 171 -8.67 31.19 15.91
CA PRO B 171 -8.30 30.29 17.01
C PRO B 171 -8.50 28.84 16.61
N LYS B 172 -7.90 27.95 17.39
CA LYS B 172 -8.01 26.52 17.15
C LYS B 172 -9.46 26.08 17.20
N GLY B 173 -9.85 25.21 16.26
CA GLY B 173 -11.19 24.69 16.21
C GLY B 173 -11.76 24.65 14.81
N PRO B 174 -13.09 24.74 14.70
CA PRO B 174 -13.72 24.67 13.37
C PRO B 174 -13.29 25.79 12.44
N ALA B 175 -12.97 26.97 12.98
CA ALA B 175 -12.54 28.07 12.12
C ALA B 175 -11.24 27.74 11.41
N ARG B 176 -10.27 27.17 12.14
CA ARG B 176 -9.00 26.80 11.52
C ARG B 176 -9.18 25.68 10.52
N ASN B 177 -10.09 24.74 10.80
CA ASN B 177 -10.35 23.65 9.85
C ASN B 177 -10.94 24.20 8.56
N ALA B 178 -11.91 25.11 8.67
CA ALA B 178 -12.49 25.71 7.47
C ALA B 178 -11.46 26.53 6.71
N ALA B 179 -10.59 27.25 7.43
CA ALA B 179 -9.55 28.03 6.76
C ALA B 179 -8.57 27.12 6.01
N THR B 180 -8.20 25.99 6.62
CA THR B 180 -7.33 25.02 5.96
C THR B 180 -7.99 24.45 4.70
N ALA B 181 -9.26 24.08 4.81
CA ALA B 181 -9.96 23.56 3.64
C ALA B 181 -10.02 24.58 2.53
N VAL B 182 -10.30 25.85 2.87
CA VAL B 182 -10.35 26.90 1.88
C VAL B 182 -8.97 27.10 1.24
N PHE B 183 -7.92 27.09 2.06
CA PHE B 183 -6.56 27.21 1.57
C PHE B 183 -6.27 26.18 0.48
N ALA B 184 -6.43 24.90 0.81
CA ALA B 184 -6.09 23.86 -0.13
C ALA B 184 -7.01 23.86 -1.35
N ALA B 185 -8.32 24.06 -1.12
CA ALA B 185 -9.26 24.08 -2.22
C ALA B 185 -8.92 25.19 -3.21
N MET B 186 -8.60 26.38 -2.71
CA MET B 186 -8.27 27.49 -3.59
C MET B 186 -6.92 27.32 -4.25
N THR B 187 -5.98 26.59 -3.63
CA THR B 187 -4.78 26.19 -4.37
C THR B 187 -5.14 25.36 -5.58
N ALA B 188 -6.00 24.35 -5.39
CA ALA B 188 -6.40 23.50 -6.52
C ALA B 188 -7.14 24.30 -7.58
N ILE B 189 -8.06 25.18 -7.16
CA ILE B 189 -8.80 26.01 -8.10
C ILE B 189 -7.85 26.91 -8.88
N GLY B 190 -6.84 27.47 -8.20
CA GLY B 190 -5.86 28.28 -8.90
C GLY B 190 -5.15 27.50 -9.98
N SER B 191 -4.70 26.29 -9.67
CA SER B 191 -4.01 25.48 -10.67
C SER B 191 -4.91 25.20 -11.87
N VAL B 192 -6.12 24.70 -11.61
CA VAL B 192 -7.00 24.30 -12.72
C VAL B 192 -7.46 25.51 -13.51
N MET B 193 -7.75 26.63 -12.83
CA MET B 193 -8.15 27.84 -13.51
C MET B 193 -7.02 28.42 -14.36
N GLY B 194 -5.77 28.31 -13.88
CA GLY B 194 -4.66 28.73 -14.72
C GLY B 194 -4.53 27.89 -15.97
N LEU B 195 -4.70 26.57 -15.83
CA LEU B 195 -4.69 25.71 -17.01
C LEU B 195 -5.79 26.10 -17.99
N VAL B 196 -7.00 26.33 -17.49
CA VAL B 196 -8.13 26.68 -18.33
C VAL B 196 -7.89 28.02 -19.03
N VAL B 197 -7.39 29.00 -18.28
CA VAL B 197 -7.16 30.33 -18.84
C VAL B 197 -6.08 30.28 -19.92
N GLY B 198 -5.00 29.55 -19.67
CA GLY B 198 -3.98 29.40 -20.70
C GLY B 198 -4.51 28.74 -21.95
N GLY B 199 -5.29 27.66 -21.77
CA GLY B 199 -5.87 26.99 -22.94
C GLY B 199 -6.80 27.88 -23.72
N ALA B 200 -7.62 28.68 -23.02
CA ALA B 200 -8.56 29.55 -23.71
C ALA B 200 -7.84 30.71 -24.40
N LEU B 201 -6.77 31.21 -23.80
CA LEU B 201 -6.05 32.36 -24.32
C LEU B 201 -4.92 31.97 -25.28
N THR B 202 -4.77 30.67 -25.56
CA THR B 202 -3.69 30.22 -26.44
C THR B 202 -3.79 30.82 -27.83
N GLU B 203 -5.01 30.99 -28.35
CA GLU B 203 -5.17 31.47 -29.73
C GLU B 203 -4.62 32.88 -29.89
N VAL B 204 -4.99 33.78 -28.99
CA VAL B 204 -4.53 35.17 -29.04
C VAL B 204 -3.14 35.25 -28.43
N SER B 205 -2.51 36.41 -28.53
CA SER B 205 -1.16 36.61 -28.02
C SER B 205 -1.07 36.26 -26.54
N TRP B 206 0.14 35.87 -26.11
CA TRP B 206 0.36 35.45 -24.73
C TRP B 206 0.31 36.62 -23.75
N ARG B 207 0.39 37.85 -24.25
CA ARG B 207 0.40 39.01 -23.36
C ARG B 207 -0.91 39.16 -22.60
N TRP B 208 -1.99 38.56 -23.10
CA TRP B 208 -3.27 38.60 -22.39
C TRP B 208 -3.38 37.53 -21.31
N ALA B 209 -2.49 36.55 -21.31
CA ALA B 209 -2.54 35.50 -20.30
C ALA B 209 -1.97 35.93 -18.96
N PHE B 210 -1.14 36.98 -18.93
CA PHE B 210 -0.59 37.48 -17.68
C PHE B 210 -1.40 38.61 -17.08
N LEU B 211 -2.26 39.26 -17.86
CA LEU B 211 -3.15 40.28 -17.31
C LEU B 211 -4.29 39.68 -16.50
N VAL B 212 -4.48 38.36 -16.53
CA VAL B 212 -5.53 37.75 -15.73
C VAL B 212 -5.21 37.81 -14.24
N ASN B 213 -3.93 37.91 -13.88
CA ASN B 213 -3.55 37.95 -12.47
C ASN B 213 -3.81 39.31 -11.84
N VAL B 214 -4.15 40.32 -12.65
CA VAL B 214 -4.35 41.68 -12.13
C VAL B 214 -5.71 41.80 -11.45
N PRO B 215 -6.84 41.46 -12.10
CA PRO B 215 -8.12 41.59 -11.40
C PRO B 215 -8.23 40.72 -10.17
N ILE B 216 -7.76 39.47 -10.25
CA ILE B 216 -7.78 38.60 -9.08
C ILE B 216 -6.89 39.14 -7.98
N GLY B 217 -5.70 39.65 -8.36
CA GLY B 217 -4.81 40.22 -7.36
C GLY B 217 -5.42 41.40 -6.65
N LEU B 218 -6.06 42.30 -7.40
CA LEU B 218 -6.71 43.45 -6.78
C LEU B 218 -7.87 43.02 -5.90
N VAL B 219 -8.64 42.02 -6.35
CA VAL B 219 -9.78 41.54 -5.56
C VAL B 219 -9.30 41.00 -4.23
N MET B 220 -8.25 40.18 -4.24
CA MET B 220 -7.76 39.62 -2.98
C MET B 220 -7.05 40.66 -2.13
N ILE B 221 -6.44 41.66 -2.74
CA ILE B 221 -5.88 42.78 -1.97
C ILE B 221 -6.98 43.48 -1.20
N TYR B 222 -8.09 43.79 -1.88
CA TYR B 222 -9.21 44.45 -1.22
C TYR B 222 -9.79 43.56 -0.13
N LEU B 223 -9.93 42.26 -0.41
CA LEU B 223 -10.50 41.35 0.57
C LEU B 223 -9.64 41.26 1.82
N ALA B 224 -8.31 41.19 1.64
CA ALA B 224 -7.43 41.16 2.80
C ALA B 224 -7.36 42.50 3.52
N ARG B 225 -7.59 43.60 2.81
CA ARG B 225 -7.58 44.90 3.47
C ARG B 225 -8.81 45.10 4.34
N THR B 226 -9.99 44.75 3.83
CA THR B 226 -11.21 44.99 4.60
C THR B 226 -11.54 43.85 5.58
N ALA B 227 -11.42 42.60 5.14
CA ALA B 227 -11.81 41.48 6.00
C ALA B 227 -10.87 41.36 7.21
N LEU B 228 -9.57 41.36 6.97
CA LEU B 228 -8.62 41.13 8.04
C LEU B 228 -8.53 42.35 8.97
N ARG B 229 -8.28 42.07 10.25
CA ARG B 229 -8.02 43.09 11.25
C ARG B 229 -6.57 43.02 11.69
N GLU B 230 -5.94 44.17 11.83
CA GLU B 230 -4.59 44.23 12.35
C GLU B 230 -4.59 43.88 13.84
N THR B 231 -3.64 43.03 14.24
CA THR B 231 -3.53 42.61 15.62
C THR B 231 -2.89 43.73 16.45
N ASN B 232 -2.54 43.42 17.69
CA ASN B 232 -1.87 44.40 18.53
C ASN B 232 -0.52 44.79 17.93
N LYS B 233 -0.17 46.06 18.08
CA LYS B 233 1.06 46.60 17.49
C LYS B 233 2.28 46.16 18.31
N GLU B 234 2.45 44.84 18.39
CA GLU B 234 3.58 44.25 19.12
C GLU B 234 4.69 43.92 18.14
N ARG B 235 5.21 44.97 17.52
CA ARG B 235 6.30 44.80 16.56
C ARG B 235 7.60 44.48 17.29
N MET B 236 8.35 43.53 16.75
CA MET B 236 9.60 43.09 17.35
C MET B 236 10.66 42.94 16.28
N LYS B 237 11.92 43.14 16.69
CA LYS B 237 13.02 43.32 15.75
C LYS B 237 13.33 42.03 15.00
N LEU B 238 13.91 42.20 13.82
CA LEU B 238 14.31 41.09 12.96
C LEU B 238 15.82 41.01 12.85
N ASP B 239 16.36 39.79 12.94
CA ASP B 239 17.78 39.56 12.76
C ASP B 239 18.10 39.54 11.27
N ALA B 240 18.85 40.54 10.81
CA ALA B 240 19.14 40.64 9.39
C ALA B 240 20.08 39.53 8.94
N THR B 241 21.00 39.10 9.81
CA THR B 241 22.00 38.10 9.42
C THR B 241 21.34 36.79 9.01
N GLY B 242 20.45 36.27 9.84
CA GLY B 242 19.79 35.01 9.53
C GLY B 242 18.94 35.10 8.28
N ALA B 243 18.20 36.20 8.12
CA ALA B 243 17.37 36.37 6.93
C ALA B 243 18.21 36.41 5.67
N ILE B 244 19.29 37.19 5.68
CA ILE B 244 20.16 37.29 4.50
C ILE B 244 20.78 35.94 4.19
N LEU B 245 21.26 35.23 5.21
CA LEU B 245 21.89 33.93 4.97
C LEU B 245 20.91 32.92 4.41
N ALA B 246 19.70 32.86 4.98
CA ALA B 246 18.70 31.92 4.48
C ALA B 246 18.29 32.26 3.05
N THR B 247 18.09 33.55 2.76
CA THR B 247 17.73 33.95 1.41
C THR B 247 18.82 33.57 0.41
N LEU B 248 20.08 33.86 0.74
CA LEU B 248 21.18 33.53 -0.16
C LEU B 248 21.28 32.02 -0.36
N ALA B 249 21.18 31.24 0.72
CA ALA B 249 21.28 29.79 0.60
C ALA B 249 20.17 29.23 -0.28
N CYS B 250 18.93 29.63 -0.02
CA CYS B 250 17.81 29.11 -0.80
C CYS B 250 17.92 29.53 -2.27
N THR B 251 18.28 30.79 -2.52
CA THR B 251 18.39 31.27 -3.89
C THR B 251 19.49 30.53 -4.64
N ALA B 252 20.64 30.32 -4.01
CA ALA B 252 21.73 29.62 -4.67
C ALA B 252 21.38 28.16 -4.92
N ALA B 253 20.70 27.51 -3.97
CA ALA B 253 20.29 26.12 -4.17
C ALA B 253 19.30 26.00 -5.33
N VAL B 254 18.33 26.91 -5.40
CA VAL B 254 17.35 26.90 -6.48
C VAL B 254 18.04 27.16 -7.82
N PHE B 255 18.99 28.10 -7.84
CA PHE B 255 19.72 28.39 -9.05
C PHE B 255 20.50 27.17 -9.53
N ALA B 256 21.17 26.47 -8.61
CA ALA B 256 21.91 25.27 -8.98
C ALA B 256 20.97 24.21 -9.54
N PHE B 257 19.86 23.95 -8.85
CA PHE B 257 18.95 22.91 -9.30
C PHE B 257 18.35 23.23 -10.66
N SER B 258 18.04 24.50 -10.91
CA SER B 258 17.42 24.87 -12.17
C SER B 258 18.43 24.93 -13.32
N ILE B 259 19.68 25.29 -13.03
CA ILE B 259 20.69 25.39 -14.08
C ILE B 259 21.38 24.06 -14.36
N GLY B 260 21.20 23.07 -13.49
CA GLY B 260 21.75 21.75 -13.74
C GLY B 260 21.33 21.17 -15.08
N PRO B 261 20.04 20.85 -15.23
CA PRO B 261 19.51 20.34 -16.49
C PRO B 261 20.08 20.97 -17.75
N GLU B 262 20.03 22.30 -17.83
CA GLU B 262 20.35 22.98 -19.08
C GLU B 262 21.86 23.15 -19.27
N LYS B 263 22.58 23.51 -18.22
CA LYS B 263 24.00 23.84 -18.33
C LYS B 263 24.91 22.70 -17.91
N GLY B 264 24.38 21.49 -17.74
CA GLY B 264 25.20 20.36 -17.37
C GLY B 264 25.41 20.24 -15.88
N TRP B 265 25.19 19.05 -15.33
CA TRP B 265 25.39 18.83 -13.90
C TRP B 265 26.85 18.96 -13.51
N MET B 266 27.76 18.61 -14.41
CA MET B 266 29.19 18.57 -14.11
C MET B 266 29.89 19.89 -14.41
N SER B 267 29.17 20.91 -14.84
CA SER B 267 29.79 22.18 -15.14
C SER B 267 30.19 22.91 -13.86
N GLY B 268 30.95 23.99 -14.02
CA GLY B 268 31.42 24.73 -12.87
C GLY B 268 30.39 25.66 -12.26
N ILE B 269 29.44 26.15 -13.08
CA ILE B 269 28.45 27.09 -12.58
C ILE B 269 27.53 26.43 -11.56
N THR B 270 27.00 25.26 -11.91
CA THR B 270 26.08 24.57 -11.00
C THR B 270 26.79 24.12 -9.73
N ILE B 271 28.01 23.61 -9.85
CA ILE B 271 28.72 23.16 -8.65
C ILE B 271 29.10 24.34 -7.77
N GLY B 272 29.43 25.49 -8.38
CA GLY B 272 29.72 26.67 -7.58
C GLY B 272 28.49 27.18 -6.85
N SER B 273 27.34 27.21 -7.54
CA SER B 273 26.11 27.63 -6.88
C SER B 273 25.72 26.67 -5.77
N GLY B 274 25.87 25.37 -5.99
CA GLY B 274 25.60 24.41 -4.93
C GLY B 274 26.52 24.59 -3.73
N LEU B 275 27.81 24.84 -3.99
CA LEU B 275 28.76 25.02 -2.90
C LEU B 275 28.44 26.27 -2.10
N VAL B 276 28.12 27.38 -2.78
CA VAL B 276 27.82 28.60 -2.03
C VAL B 276 26.50 28.44 -1.27
N ALA B 277 25.53 27.71 -1.85
CA ALA B 277 24.30 27.44 -1.13
C ALA B 277 24.55 26.62 0.13
N LEU B 278 25.37 25.58 0.03
CA LEU B 278 25.69 24.76 1.19
C LEU B 278 26.42 25.57 2.26
N ALA B 279 27.39 26.37 1.84
CA ALA B 279 28.12 27.20 2.81
C ALA B 279 27.20 28.19 3.49
N ALA B 280 26.31 28.84 2.73
CA ALA B 280 25.38 29.79 3.32
C ALA B 280 24.41 29.11 4.26
N ALA B 281 23.95 27.90 3.92
CA ALA B 281 23.05 27.17 4.82
C ALA B 281 23.76 26.78 6.11
N VAL B 282 25.01 26.33 6.02
CA VAL B 282 25.75 25.97 7.22
C VAL B 282 25.96 27.20 8.10
N ALA B 283 26.35 28.32 7.50
CA ALA B 283 26.52 29.56 8.26
C ALA B 283 25.20 30.02 8.87
N PHE B 284 24.10 29.84 8.14
CA PHE B 284 22.80 30.24 8.64
C PHE B 284 22.39 29.40 9.86
N VAL B 285 22.64 28.10 9.81
CA VAL B 285 22.38 27.24 10.96
C VAL B 285 23.26 27.64 12.13
N ILE B 286 24.53 27.96 11.86
CA ILE B 286 25.44 28.37 12.93
C ILE B 286 24.92 29.64 13.61
N VAL B 287 24.48 30.61 12.81
CA VAL B 287 23.97 31.86 13.39
C VAL B 287 22.67 31.61 14.15
N GLU B 288 21.78 30.77 13.60
CA GLU B 288 20.53 30.47 14.28
C GLU B 288 20.75 29.72 15.58
N ARG B 289 21.86 29.01 15.72
CA ARG B 289 22.16 28.32 16.97
C ARG B 289 22.20 29.30 18.15
N THR B 290 22.75 30.49 17.93
CA THR B 290 22.89 31.50 18.96
C THR B 290 22.07 32.76 18.65
N ALA B 291 21.06 32.63 17.80
CA ALA B 291 20.26 33.79 17.40
C ALA B 291 19.31 34.19 18.51
N GLU B 292 19.20 35.51 18.74
CA GLU B 292 18.29 36.03 19.76
C GLU B 292 16.85 36.08 19.29
N ASN B 293 16.63 36.04 17.97
CA ASN B 293 15.28 35.95 17.41
C ASN B 293 15.35 35.00 16.23
N PRO B 294 15.10 33.71 16.45
CA PRO B 294 15.37 32.70 15.41
C PRO B 294 14.42 32.87 14.23
N VAL B 295 15.01 33.06 13.04
CA VAL B 295 14.23 33.01 11.82
C VAL B 295 13.68 31.61 11.59
N VAL B 296 14.50 30.60 11.88
CA VAL B 296 14.06 29.20 11.85
C VAL B 296 14.26 28.64 13.24
N PRO B 297 13.19 28.26 13.96
CA PRO B 297 13.35 27.71 15.31
C PRO B 297 13.76 26.25 15.25
N PHE B 298 15.03 26.00 15.55
CA PHE B 298 15.57 24.64 15.51
C PHE B 298 15.25 23.84 16.75
N HIS B 299 14.85 24.49 17.85
CA HIS B 299 14.43 23.78 19.05
C HIS B 299 13.03 23.21 18.93
N LEU B 300 12.23 23.72 17.99
CA LEU B 300 10.86 23.21 17.82
C LEU B 300 10.86 21.80 17.23
N PHE B 301 11.80 21.51 16.34
CA PHE B 301 11.78 20.25 15.61
C PHE B 301 12.32 19.09 16.42
N ARG B 302 12.68 19.31 17.69
CA ARG B 302 13.01 18.20 18.56
C ARG B 302 11.79 17.29 18.78
N ASP B 303 10.60 17.83 18.61
CA ASP B 303 9.38 17.04 18.74
C ASP B 303 9.32 15.99 17.64
N ARG B 304 8.97 14.76 18.02
CA ARG B 304 8.80 13.70 17.03
C ARG B 304 7.60 13.96 16.14
N ASN B 305 6.50 14.43 16.72
CA ASN B 305 5.29 14.69 15.96
C ASN B 305 5.54 15.74 14.88
N ARG B 306 6.19 16.85 15.25
CA ARG B 306 6.42 17.92 14.29
C ARG B 306 7.38 17.48 13.19
N LEU B 307 8.45 16.78 13.55
CA LEU B 307 9.42 16.33 12.55
C LEU B 307 8.79 15.35 11.57
N VAL B 308 8.02 14.39 12.09
CA VAL B 308 7.36 13.42 11.23
C VAL B 308 6.34 14.12 10.34
N THR B 309 5.60 15.08 10.90
CA THR B 309 4.63 15.82 10.11
C THR B 309 5.28 16.59 8.98
N PHE B 310 6.42 17.22 9.24
CA PHE B 310 7.06 18.02 8.20
C PHE B 310 7.71 17.13 7.14
N SER B 311 8.28 15.99 7.55
CA SER B 311 8.80 15.07 6.56
C SER B 311 7.68 14.53 5.66
N ALA B 312 6.56 14.15 6.27
CA ALA B 312 5.41 13.70 5.48
C ALA B 312 4.90 14.82 4.58
N ILE B 313 4.94 16.06 5.06
CA ILE B 313 4.50 17.19 4.25
C ILE B 313 5.39 17.33 3.02
N LEU B 314 6.70 17.25 3.21
CA LEU B 314 7.63 17.35 2.09
C LEU B 314 7.36 16.25 1.06
N LEU B 315 7.31 15.00 1.52
CA LEU B 315 7.18 13.92 0.55
C LEU B 315 5.79 13.88 -0.07
N ALA B 316 4.75 14.31 0.66
CA ALA B 316 3.41 14.34 0.10
C ALA B 316 3.28 15.47 -0.92
N GLY B 317 3.88 16.62 -0.67
CA GLY B 317 3.92 17.66 -1.68
C GLY B 317 4.67 17.21 -2.92
N GLY B 318 5.75 16.44 -2.72
CA GLY B 318 6.44 15.87 -3.87
C GLY B 318 5.56 14.94 -4.68
N VAL B 319 4.83 14.06 -3.99
CA VAL B 319 3.92 13.15 -4.67
C VAL B 319 2.85 13.93 -5.42
N MET B 320 2.29 14.97 -4.78
CA MET B 320 1.23 15.75 -5.40
C MET B 320 1.73 16.46 -6.66
N PHE B 321 2.90 17.09 -6.58
CA PHE B 321 3.42 17.79 -7.75
C PHE B 321 3.79 16.82 -8.87
N SER B 322 4.38 15.67 -8.52
CA SER B 322 4.66 14.66 -9.53
C SER B 322 3.39 14.20 -10.21
N LEU B 323 2.34 13.92 -9.43
CA LEU B 323 1.06 13.53 -10.00
C LEU B 323 0.53 14.60 -10.95
N THR B 324 0.51 15.85 -10.49
CA THR B 324 -0.04 16.93 -11.31
C THR B 324 0.70 17.05 -12.63
N VAL B 325 2.04 17.14 -12.57
CA VAL B 325 2.81 17.34 -13.79
C VAL B 325 2.67 16.14 -14.73
N CYS B 326 2.75 14.92 -14.17
CA CYS B 326 2.69 13.73 -15.02
C CYS B 326 1.32 13.57 -15.66
N ILE B 327 0.24 13.79 -14.91
CA ILE B 327 -1.09 13.66 -15.49
C ILE B 327 -1.32 14.73 -16.54
N GLY B 328 -0.88 15.96 -16.28
CA GLY B 328 -1.02 17.00 -17.28
C GLY B 328 -0.27 16.67 -18.55
N LEU B 329 0.98 16.24 -18.42
CA LEU B 329 1.77 15.90 -19.60
C LEU B 329 1.16 14.73 -20.37
N TYR B 330 0.67 13.72 -19.64
CA TYR B 330 0.03 12.58 -20.29
C TYR B 330 -1.19 13.03 -21.08
N VAL B 331 -2.08 13.79 -20.45
CA VAL B 331 -3.30 14.23 -21.12
C VAL B 331 -2.96 15.09 -22.33
N GLN B 332 -1.93 15.94 -22.22
CA GLN B 332 -1.57 16.81 -23.34
C GLN B 332 -0.99 16.00 -24.51
N ASP B 333 -0.08 15.08 -24.23
CA ASP B 333 0.67 14.41 -25.28
C ASP B 333 -0.03 13.16 -25.80
N ILE B 334 -0.28 12.19 -24.93
CA ILE B 334 -0.77 10.89 -25.39
C ILE B 334 -2.23 11.00 -25.82
N LEU B 335 -3.07 11.59 -24.98
CA LEU B 335 -4.49 11.69 -25.28
C LEU B 335 -4.79 12.76 -26.33
N GLY B 336 -3.85 13.63 -26.65
CA GLY B 336 -4.06 14.62 -27.68
C GLY B 336 -5.03 15.73 -27.32
N TYR B 337 -5.19 16.01 -26.03
CA TYR B 337 -6.08 17.07 -25.58
C TYR B 337 -5.35 18.40 -25.54
N SER B 338 -6.04 19.46 -25.93
CA SER B 338 -5.50 20.80 -25.81
C SER B 338 -5.48 21.23 -24.35
N ALA B 339 -4.88 22.39 -24.08
CA ALA B 339 -4.77 22.88 -22.71
C ALA B 339 -6.15 23.20 -22.13
N LEU B 340 -7.04 23.81 -22.94
CA LEU B 340 -8.39 24.06 -22.47
C LEU B 340 -9.14 22.76 -22.20
N ARG B 341 -8.96 21.77 -23.07
CA ARG B 341 -9.56 20.46 -22.83
C ARG B 341 -9.02 19.82 -21.56
N ALA B 342 -7.71 19.95 -21.33
CA ALA B 342 -7.12 19.41 -20.10
C ALA B 342 -7.69 20.09 -18.87
N GLY B 343 -7.87 21.41 -18.92
CA GLY B 343 -8.43 22.10 -17.77
C GLY B 343 -9.88 21.74 -17.50
N VAL B 344 -10.70 21.69 -18.56
CA VAL B 344 -12.09 21.32 -18.35
C VAL B 344 -12.23 19.85 -17.98
N GLY B 345 -11.22 19.03 -18.27
CA GLY B 345 -11.22 17.66 -17.79
C GLY B 345 -10.71 17.50 -16.38
N PHE B 346 -9.87 18.43 -15.91
CA PHE B 346 -9.36 18.41 -14.55
C PHE B 346 -10.24 19.16 -13.56
N ILE B 347 -11.23 19.91 -14.03
CA ILE B 347 -12.21 20.54 -13.14
C ILE B 347 -12.85 19.52 -12.19
N PRO B 348 -13.23 18.32 -12.65
CA PRO B 348 -13.71 17.31 -11.69
C PRO B 348 -12.73 16.99 -10.58
N PHE B 349 -11.42 17.09 -10.84
CA PHE B 349 -10.45 16.93 -9.77
C PHE B 349 -10.63 18.00 -8.71
N VAL B 350 -10.88 19.25 -9.13
CA VAL B 350 -11.12 20.33 -8.18
C VAL B 350 -12.38 20.05 -7.36
N ILE B 351 -13.45 19.60 -8.04
CA ILE B 351 -14.69 19.31 -7.32
C ILE B 351 -14.47 18.22 -6.27
N ALA B 352 -13.83 17.12 -6.68
CA ALA B 352 -13.60 16.00 -5.76
C ALA B 352 -12.67 16.41 -4.63
N MET B 353 -11.65 17.22 -4.93
CA MET B 353 -10.73 17.67 -3.89
C MET B 353 -11.44 18.56 -2.88
N GLY B 354 -12.33 19.44 -3.35
CA GLY B 354 -13.11 20.23 -2.42
C GLY B 354 -14.00 19.39 -1.53
N ILE B 355 -14.64 18.36 -2.11
CA ILE B 355 -15.45 17.45 -1.32
C ILE B 355 -14.60 16.78 -0.25
N GLY B 356 -13.42 16.27 -0.64
CA GLY B 356 -12.56 15.60 0.30
C GLY B 356 -12.04 16.52 1.39
N LEU B 357 -11.71 17.75 1.04
CA LEU B 357 -11.24 18.71 2.03
C LEU B 357 -12.34 19.04 3.04
N GLY B 358 -13.57 19.25 2.56
CA GLY B 358 -14.66 19.46 3.49
C GLY B 358 -14.87 18.30 4.42
N VAL B 359 -14.87 17.07 3.87
CA VAL B 359 -15.05 15.88 4.69
C VAL B 359 -13.95 15.78 5.74
N SER B 360 -12.70 16.00 5.32
CA SER B 360 -11.58 15.90 6.27
C SER B 360 -11.64 16.97 7.34
N SER B 361 -12.05 18.19 6.97
CA SER B 361 -12.19 19.25 7.96
C SER B 361 -13.31 18.95 8.94
N GLN B 362 -14.31 18.17 8.52
CA GLN B 362 -15.37 17.78 9.45
C GLN B 362 -14.90 16.74 10.44
N LEU B 363 -14.14 15.74 9.97
CA LEU B 363 -13.74 14.62 10.83
C LEU B 363 -12.39 14.82 11.50
N VAL B 364 -11.76 15.99 11.34
CA VAL B 364 -10.46 16.19 11.98
C VAL B 364 -10.59 16.41 13.48
N SER B 365 -11.80 16.68 13.97
CA SER B 365 -12.06 16.82 15.39
C SER B 365 -12.47 15.51 16.05
N ARG B 366 -12.63 14.44 15.28
CA ARG B 366 -12.99 13.12 15.80
C ARG B 366 -11.90 12.08 15.60
N PHE B 367 -11.31 12.08 14.40
CA PHE B 367 -10.32 11.06 13.98
C PHE B 367 -8.94 11.70 13.89
N SER B 368 -7.89 10.91 14.12
CA SER B 368 -6.54 11.43 14.40
C SER B 368 -5.96 11.96 13.10
N PRO B 369 -4.90 12.79 13.11
CA PRO B 369 -4.20 13.11 11.87
C PRO B 369 -3.67 11.87 11.15
N ARG B 370 -3.17 10.87 11.88
CA ARG B 370 -2.64 9.63 11.26
C ARG B 370 -3.73 8.90 10.48
N VAL B 371 -4.91 8.71 11.09
CA VAL B 371 -5.99 7.89 10.49
C VAL B 371 -6.47 8.57 9.22
N LEU B 372 -6.67 9.88 9.27
CA LEU B 372 -7.25 10.64 8.14
C LEU B 372 -6.28 10.69 6.94
N THR B 373 -4.98 10.89 7.18
CA THR B 373 -3.98 10.91 6.09
C THR B 373 -3.88 9.54 5.43
N ILE B 374 -3.88 8.46 6.22
CA ILE B 374 -3.79 7.07 5.72
C ILE B 374 -5.05 6.69 4.92
N GLY B 375 -6.23 7.15 5.34
CA GLY B 375 -7.48 6.93 4.59
C GLY B 375 -7.52 7.65 3.25
N GLY B 376 -7.12 8.93 3.20
CA GLY B 376 -6.99 9.67 1.97
C GLY B 376 -5.94 9.08 1.05
N GLY B 377 -4.80 8.68 1.61
CA GLY B 377 -3.78 8.04 0.80
C GLY B 377 -4.22 6.70 0.26
N TYR B 378 -5.03 5.96 1.00
CA TYR B 378 -5.58 4.71 0.49
C TYR B 378 -6.47 4.95 -0.72
N LEU B 379 -7.35 5.95 -0.64
CA LEU B 379 -8.19 6.28 -1.79
C LEU B 379 -7.34 6.72 -2.98
N LEU B 380 -6.36 7.59 -2.73
CA LEU B 380 -5.49 8.07 -3.80
C LEU B 380 -4.70 6.92 -4.43
N PHE B 381 -4.25 5.97 -3.60
CA PHE B 381 -3.49 4.84 -4.11
C PHE B 381 -4.35 3.92 -4.95
N GLY B 382 -5.61 3.71 -4.54
CA GLY B 382 -6.51 2.95 -5.39
C GLY B 382 -6.74 3.60 -6.73
N ALA B 383 -6.98 4.91 -6.73
CA ALA B 383 -7.17 5.63 -7.99
C ALA B 383 -5.92 5.55 -8.87
N MET B 384 -4.75 5.70 -8.26
CA MET B 384 -3.49 5.66 -9.00
C MET B 384 -3.19 4.26 -9.52
N LEU B 385 -3.54 3.22 -8.77
CA LEU B 385 -3.40 1.86 -9.28
C LEU B 385 -4.29 1.63 -10.50
N TYR B 386 -5.54 2.09 -10.43
CA TYR B 386 -6.42 1.95 -11.59
C TYR B 386 -5.86 2.72 -12.78
N GLY B 387 -5.35 3.93 -12.55
CA GLY B 387 -4.77 4.71 -13.63
C GLY B 387 -3.54 4.06 -14.22
N SER B 388 -2.73 3.39 -13.41
CA SER B 388 -1.54 2.72 -13.92
C SER B 388 -1.88 1.44 -14.65
N PHE B 389 -2.98 0.79 -14.29
CA PHE B 389 -3.31 -0.49 -14.91
C PHE B 389 -4.16 -0.35 -16.18
N PHE B 390 -5.12 0.56 -16.19
CA PHE B 390 -6.14 0.60 -17.24
C PHE B 390 -6.18 1.97 -17.91
N MET B 391 -5.03 2.46 -18.34
CA MET B 391 -4.94 3.73 -19.06
C MET B 391 -3.98 3.57 -20.22
N HIS B 392 -4.49 3.70 -21.44
CA HIS B 392 -3.67 3.66 -22.65
C HIS B 392 -4.21 4.70 -23.62
N ARG B 393 -3.54 4.83 -24.77
CA ARG B 393 -3.94 5.80 -25.78
C ARG B 393 -5.31 5.43 -26.35
N GLY B 394 -6.20 6.40 -26.40
CA GLY B 394 -7.52 6.20 -26.98
C GLY B 394 -8.61 5.80 -25.99
N VAL B 395 -8.27 5.78 -24.71
CA VAL B 395 -9.26 5.46 -23.70
C VAL B 395 -10.31 6.56 -23.71
N PRO B 396 -11.53 6.24 -23.31
CA PRO B 396 -12.54 7.29 -23.23
C PRO B 396 -12.17 8.27 -22.14
N TYR B 397 -13.07 9.19 -21.82
CA TYR B 397 -12.83 10.10 -20.72
C TYR B 397 -13.73 9.74 -19.57
N PHE B 398 -15.03 9.78 -19.81
CA PHE B 398 -16.00 9.52 -18.73
C PHE B 398 -15.65 8.35 -17.82
N PRO B 399 -15.32 7.19 -18.41
CA PRO B 399 -15.09 6.06 -17.50
C PRO B 399 -13.64 5.88 -17.11
N ASN B 400 -12.70 6.14 -18.01
CA ASN B 400 -11.30 5.86 -17.71
C ASN B 400 -10.51 6.99 -17.09
N LEU B 401 -10.86 8.23 -17.38
CA LEU B 401 -10.07 9.36 -16.87
C LEU B 401 -10.75 10.12 -15.74
N VAL B 402 -12.08 10.24 -15.78
CA VAL B 402 -12.76 11.02 -14.78
C VAL B 402 -12.84 10.33 -13.44
N MET B 403 -12.96 9.01 -13.44
CA MET B 403 -13.13 8.29 -12.17
C MET B 403 -11.86 8.30 -11.34
N PRO B 404 -10.76 7.74 -11.86
CA PRO B 404 -9.50 7.82 -11.11
C PRO B 404 -9.19 9.24 -10.64
N ILE B 405 -9.47 10.23 -11.48
CA ILE B 405 -9.21 11.61 -11.11
C ILE B 405 -10.05 12.01 -9.91
N VAL B 406 -11.33 11.63 -9.91
CA VAL B 406 -12.23 11.99 -8.81
C VAL B 406 -11.81 11.28 -7.52
N VAL B 407 -11.48 9.99 -7.61
CA VAL B 407 -11.10 9.26 -6.40
C VAL B 407 -9.79 9.81 -5.84
N GLY B 408 -8.83 10.09 -6.71
CA GLY B 408 -7.58 10.68 -6.25
C GLY B 408 -7.76 12.05 -5.65
N GLY B 409 -8.65 12.86 -6.24
CA GLY B 409 -8.92 14.17 -5.67
C GLY B 409 -9.56 14.07 -4.29
N ILE B 410 -10.51 13.14 -4.12
CA ILE B 410 -11.13 12.95 -2.82
C ILE B 410 -10.07 12.51 -1.80
N GLY B 411 -9.20 11.58 -2.19
CA GLY B 411 -8.16 11.13 -1.27
C GLY B 411 -7.19 12.23 -0.89
N ILE B 412 -6.77 13.03 -1.87
CA ILE B 412 -5.83 14.12 -1.61
C ILE B 412 -6.47 15.16 -0.71
N GLY B 413 -7.75 15.48 -0.97
CA GLY B 413 -8.44 16.43 -0.11
C GLY B 413 -8.61 15.92 1.31
N MET B 414 -8.84 14.61 1.45
CA MET B 414 -8.96 14.03 2.79
C MET B 414 -7.61 14.02 3.51
N ALA B 415 -6.51 13.84 2.78
CA ALA B 415 -5.21 13.75 3.42
C ALA B 415 -4.57 15.11 3.68
N VAL B 416 -4.97 16.15 2.94
CA VAL B 416 -4.30 17.44 3.07
C VAL B 416 -4.64 18.10 4.41
N VAL B 417 -5.92 18.13 4.78
CA VAL B 417 -6.35 18.91 5.94
C VAL B 417 -5.64 18.48 7.22
N PRO B 418 -5.59 17.19 7.59
CA PRO B 418 -4.89 16.83 8.83
C PRO B 418 -3.41 17.18 8.80
N LEU B 419 -2.75 17.08 7.64
CA LEU B 419 -1.32 17.36 7.56
C LEU B 419 -1.03 18.82 7.87
N THR B 420 -1.63 19.73 7.09
CA THR B 420 -1.40 21.15 7.32
C THR B 420 -2.06 21.65 8.59
N LEU B 421 -2.98 20.88 9.17
CA LEU B 421 -3.51 21.24 10.49
C LEU B 421 -2.54 20.86 11.60
N SER B 422 -1.83 19.74 11.43
CA SER B 422 -0.80 19.35 12.38
C SER B 422 0.45 20.21 12.23
N ALA B 423 0.70 20.76 11.04
CA ALA B 423 1.86 21.63 10.86
C ALA B 423 1.74 22.87 11.74
N ILE B 424 0.58 23.52 11.73
CA ILE B 424 0.34 24.73 12.50
C ILE B 424 -0.37 24.28 13.79
N ALA B 425 0.42 23.92 14.80
CA ALA B 425 -0.16 23.43 16.04
C ALA B 425 0.88 23.55 17.15
N GLY B 426 0.43 23.98 18.33
CA GLY B 426 1.27 24.06 19.50
C GLY B 426 2.42 25.04 19.38
N VAL B 427 2.13 26.23 18.86
CA VAL B 427 3.14 27.26 18.67
C VAL B 427 2.54 28.61 19.01
N GLY B 428 3.38 29.51 19.53
CA GLY B 428 2.91 30.84 19.89
C GLY B 428 2.64 31.70 18.67
N PHE B 429 1.91 32.79 18.90
CA PHE B 429 1.54 33.68 17.79
C PHE B 429 2.74 34.47 17.28
N ASP B 430 3.71 34.74 18.15
CA ASP B 430 4.95 35.40 17.74
C ASP B 430 5.95 34.42 17.15
N GLN B 431 5.54 33.18 16.91
CA GLN B 431 6.44 32.13 16.48
C GLN B 431 5.81 31.21 15.43
N ILE B 432 4.53 31.38 15.11
CA ILE B 432 3.86 30.55 14.12
C ILE B 432 4.39 30.84 12.72
N GLY B 433 4.81 32.07 12.47
CA GLY B 433 5.25 32.49 11.16
C GLY B 433 6.36 31.65 10.57
N PRO B 434 7.45 31.47 11.32
CA PRO B 434 8.51 30.57 10.84
C PRO B 434 8.03 29.16 10.56
N VAL B 435 7.15 28.62 11.39
CA VAL B 435 6.65 27.25 11.19
C VAL B 435 5.87 27.18 9.88
N SER B 436 4.99 28.15 9.64
CA SER B 436 4.23 28.17 8.40
C SER B 436 5.15 28.32 7.18
N ALA B 437 6.15 29.19 7.28
CA ALA B 437 7.07 29.39 6.17
C ALA B 437 7.85 28.11 5.87
N ILE B 438 8.32 27.42 6.91
CA ILE B 438 9.05 26.18 6.71
C ILE B 438 8.16 25.11 6.11
N ALA B 439 6.91 25.02 6.58
CA ALA B 439 5.99 24.02 6.04
C ALA B 439 5.73 24.27 4.56
N LEU B 440 5.46 25.52 4.19
CA LEU B 440 5.20 25.84 2.79
C LEU B 440 6.44 25.63 1.93
N MET B 441 7.62 25.99 2.45
CA MET B 441 8.84 25.78 1.70
C MET B 441 9.12 24.31 1.49
N LEU B 442 8.87 23.47 2.49
CA LEU B 442 9.04 22.03 2.32
C LEU B 442 8.05 21.47 1.31
N GLN B 443 6.80 21.94 1.37
CA GLN B 443 5.80 21.46 0.40
C GLN B 443 6.18 21.82 -1.02
N SER B 444 6.69 23.04 -1.24
CA SER B 444 7.10 23.45 -2.57
C SER B 444 8.42 22.80 -3.00
N LEU B 445 9.28 22.46 -2.03
CA LEU B 445 10.58 21.88 -2.33
C LEU B 445 10.47 20.41 -2.71
N GLY B 446 9.59 19.68 -2.04
CA GLY B 446 9.47 18.26 -2.32
C GLY B 446 9.04 17.95 -3.74
N GLY B 447 8.31 18.88 -4.37
CA GLY B 447 7.73 18.66 -5.67
C GLY B 447 8.73 18.31 -6.76
N PRO B 448 9.59 19.27 -7.13
CA PRO B 448 10.58 19.01 -8.18
C PRO B 448 11.51 17.85 -7.86
N LEU B 449 11.80 17.61 -6.58
CA LEU B 449 12.70 16.51 -6.22
C LEU B 449 12.14 15.17 -6.68
N VAL B 450 10.88 14.88 -6.35
CA VAL B 450 10.27 13.63 -6.77
C VAL B 450 9.95 13.66 -8.26
N LEU B 451 9.61 14.84 -8.79
CA LEU B 451 9.26 14.94 -10.20
C LEU B 451 10.45 14.59 -11.09
N ALA B 452 11.66 14.99 -10.69
CA ALA B 452 12.84 14.65 -11.46
C ALA B 452 13.03 13.14 -11.55
N VAL B 453 12.87 12.44 -10.42
CA VAL B 453 13.01 10.99 -10.42
C VAL B 453 11.94 10.34 -11.29
N ILE B 454 10.69 10.81 -11.17
CA ILE B 454 9.61 10.21 -11.95
C ILE B 454 9.82 10.43 -13.43
N GLN B 455 10.25 11.64 -13.83
CA GLN B 455 10.47 11.93 -15.23
C GLN B 455 11.67 11.15 -15.78
N ALA B 456 12.72 10.98 -14.95
CA ALA B 456 13.85 10.16 -15.38
C ALA B 456 13.41 8.72 -15.61
N VAL B 457 12.59 8.18 -14.70
CA VAL B 457 12.09 6.81 -14.87
C VAL B 457 11.25 6.70 -16.13
N ILE B 458 10.39 7.69 -16.38
CA ILE B 458 9.53 7.66 -17.56
C ILE B 458 10.36 7.70 -18.84
N THR B 459 11.36 8.58 -18.89
CA THR B 459 12.20 8.66 -20.07
C THR B 459 13.01 7.38 -20.28
N SER B 460 13.51 6.80 -19.18
CA SER B 460 14.24 5.54 -19.31
C SER B 460 13.34 4.44 -19.86
N ARG B 461 12.10 4.35 -19.36
CA ARG B 461 11.18 3.34 -19.86
C ARG B 461 10.83 3.59 -21.33
N THR B 462 10.67 4.85 -21.71
CA THR B 462 10.39 5.18 -23.11
C THR B 462 11.54 4.74 -24.01
N LEU B 463 12.78 5.04 -23.61
CA LEU B 463 13.92 4.64 -24.42
C LEU B 463 14.09 3.12 -24.45
N TYR B 464 13.77 2.43 -23.36
CA TYR B 464 13.93 0.98 -23.35
C TYR B 464 12.82 0.29 -24.16
N LEU B 465 11.64 0.88 -24.24
CA LEU B 465 10.58 0.33 -25.09
C LEU B 465 10.78 0.64 -26.56
N GLY B 466 11.70 1.53 -26.91
CA GLY B 466 11.95 1.86 -28.30
C GLY B 466 11.29 3.14 -28.75
N GLY B 467 11.22 4.13 -27.87
CA GLY B 467 10.63 5.43 -28.18
C GLY B 467 11.70 6.49 -28.24
N THR B 468 11.65 7.31 -29.28
CA THR B 468 12.63 8.37 -29.46
C THR B 468 12.38 9.51 -28.47
N THR B 469 13.38 10.38 -28.35
CA THR B 469 13.32 11.52 -27.44
C THR B 469 13.13 12.80 -28.25
N GLY B 470 12.22 13.65 -27.78
CA GLY B 470 11.94 14.90 -28.44
C GLY B 470 10.47 15.26 -28.39
N PRO B 471 10.08 16.24 -29.21
CA PRO B 471 8.66 16.61 -29.28
C PRO B 471 7.80 15.44 -29.73
N VAL B 472 6.59 15.35 -29.16
CA VAL B 472 5.71 14.23 -29.44
C VAL B 472 5.16 14.24 -30.87
N LYS B 473 5.26 15.36 -31.57
CA LYS B 473 4.75 15.43 -32.93
C LYS B 473 5.63 14.67 -33.92
N PHE B 474 6.93 14.56 -33.64
CA PHE B 474 7.82 13.88 -34.58
C PHE B 474 7.64 12.36 -34.54
N MET B 475 7.48 11.80 -33.35
CA MET B 475 7.35 10.35 -33.22
C MET B 475 6.00 9.88 -33.75
N ASN B 476 6.00 8.71 -34.38
CA ASN B 476 4.79 8.15 -34.97
C ASN B 476 4.10 7.24 -33.96
N ASP B 477 3.15 6.42 -34.44
CA ASP B 477 2.32 5.63 -33.55
C ASP B 477 3.12 4.57 -32.79
N VAL B 478 4.11 3.96 -33.43
CA VAL B 478 4.88 2.91 -32.76
C VAL B 478 5.66 3.49 -31.58
N GLN B 479 5.99 4.77 -31.63
CA GLN B 479 6.71 5.45 -30.56
C GLN B 479 5.77 6.17 -29.60
N LEU B 480 4.46 6.08 -29.80
CA LEU B 480 3.50 6.74 -28.92
C LEU B 480 2.94 5.80 -27.85
N ALA B 481 2.84 4.50 -28.14
CA ALA B 481 2.43 3.56 -27.12
C ALA B 481 3.53 3.34 -26.08
N ALA B 482 4.79 3.45 -26.51
CA ALA B 482 5.90 3.34 -25.57
C ALA B 482 5.84 4.47 -24.54
N LEU B 483 5.51 5.68 -24.98
CA LEU B 483 5.35 6.79 -24.04
C LEU B 483 4.23 6.54 -23.05
N ASP B 484 3.12 5.95 -23.52
CA ASP B 484 2.00 5.65 -22.64
C ASP B 484 2.39 4.62 -21.58
N HIS B 485 3.08 3.56 -22.00
CA HIS B 485 3.50 2.54 -21.04
C HIS B 485 4.52 3.11 -20.05
N ALA B 486 5.40 4.00 -20.52
CA ALA B 486 6.33 4.65 -19.62
C ALA B 486 5.61 5.53 -18.62
N TYR B 487 4.54 6.22 -19.04
CA TYR B 487 3.78 7.04 -18.12
C TYR B 487 3.07 6.19 -17.08
N THR B 488 2.55 5.03 -17.48
CA THR B 488 1.95 4.12 -16.50
C THR B 488 2.98 3.62 -15.51
N TYR B 489 4.20 3.31 -15.98
CA TYR B 489 5.27 2.91 -15.07
C TYR B 489 5.61 4.05 -14.10
N GLY B 490 5.65 5.28 -14.59
CA GLY B 490 5.86 6.42 -13.70
C GLY B 490 4.77 6.56 -12.66
N LEU B 491 3.52 6.27 -13.05
CA LEU B 491 2.43 6.29 -12.08
C LEU B 491 2.63 5.21 -11.03
N LEU B 492 3.13 4.04 -11.42
CA LEU B 492 3.46 3.01 -10.44
C LEU B 492 4.53 3.49 -9.46
N TRP B 493 5.54 4.19 -9.98
CA TRP B 493 6.58 4.74 -9.11
C TRP B 493 6.01 5.76 -8.14
N VAL B 494 5.09 6.60 -8.62
CA VAL B 494 4.41 7.56 -7.74
C VAL B 494 3.60 6.81 -6.69
N ALA B 495 3.03 5.66 -7.05
CA ALA B 495 2.31 4.85 -6.08
C ALA B 495 3.24 4.35 -4.98
N GLY B 496 4.43 3.88 -5.36
CA GLY B 496 5.42 3.53 -4.34
C GLY B 496 5.78 4.69 -3.44
N ALA B 497 5.95 5.88 -4.04
CA ALA B 497 6.23 7.07 -3.24
C ALA B 497 5.12 7.37 -2.26
N ALA B 498 3.86 7.21 -2.69
CA ALA B 498 2.73 7.44 -1.79
C ALA B 498 2.69 6.41 -0.67
N ILE B 499 3.06 5.16 -0.97
CA ILE B 499 3.17 4.17 0.09
C ILE B 499 4.21 4.59 1.12
N ILE B 500 5.34 5.13 0.65
CA ILE B 500 6.35 5.64 1.57
C ILE B 500 5.78 6.79 2.41
N VAL B 501 5.03 7.68 1.79
CA VAL B 501 4.42 8.81 2.50
C VAL B 501 3.52 8.29 3.62
N GLY B 502 2.72 7.27 3.32
CA GLY B 502 1.82 6.73 4.33
C GLY B 502 2.53 6.02 5.45
N GLY B 503 3.56 5.23 5.11
CA GLY B 503 4.37 4.60 6.14
C GLY B 503 5.03 5.61 7.05
N MET B 504 5.40 6.77 6.50
CA MET B 504 5.99 7.82 7.33
C MET B 504 4.94 8.54 8.16
N ALA B 505 3.74 8.73 7.61
CA ALA B 505 2.65 9.40 8.33
C ALA B 505 2.01 8.52 9.38
N LEU B 506 2.30 7.20 9.38
CA LEU B 506 1.83 6.34 10.45
C LEU B 506 2.35 6.77 11.82
N PHE B 507 3.43 7.54 11.87
CA PHE B 507 4.08 7.89 13.12
C PHE B 507 3.65 9.24 13.67
N ILE B 508 2.69 9.91 13.03
CA ILE B 508 2.20 11.19 13.53
C ILE B 508 1.42 10.95 14.82
N GLY B 509 2.03 11.27 15.95
CA GLY B 509 1.42 11.04 17.24
C GLY B 509 0.40 12.06 17.68
N TYR B 510 0.08 13.03 16.82
CA TYR B 510 -0.88 14.06 17.17
C TYR B 510 -2.27 13.48 17.34
N THR B 511 -3.00 13.97 18.34
CA THR B 511 -4.37 13.57 18.63
C THR B 511 -5.32 14.73 18.37
N PRO B 512 -6.58 14.45 17.97
CA PRO B 512 -7.51 15.53 17.63
C PRO B 512 -7.81 16.47 18.80
N GLN B 513 -7.42 16.13 20.02
CA GLN B 513 -7.62 17.05 21.14
C GLN B 513 -6.77 18.31 20.98
N GLN B 514 -5.59 18.19 20.37
CA GLN B 514 -4.67 19.30 20.22
C GLN B 514 -4.55 19.75 18.76
N VAL B 515 -5.56 19.50 17.93
CA VAL B 515 -5.55 19.97 16.55
C VAL B 515 -6.79 20.80 16.29
N ALA B 516 -7.96 20.29 16.68
CA ALA B 516 -9.23 20.95 16.37
C ALA B 516 -10.20 20.87 17.56
N HIS B 517 -9.71 21.18 18.77
CA HIS B 517 -10.58 21.15 19.93
C HIS B 517 -10.43 22.39 20.80
N ALA B 518 -10.02 23.51 20.20
CA ALA B 518 -10.02 24.82 20.84
C ALA B 518 -9.35 24.80 22.22
N GLN B 519 -10.04 25.32 23.22
CA GLN B 519 -9.53 25.33 24.59
C GLN B 519 -10.05 24.14 25.38
#